data_7WT3
#
_entry.id   7WT3
#
_cell.length_a   87.069
_cell.length_b   46.41
_cell.length_c   142.67
_cell.angle_alpha   90.0
_cell.angle_beta   104.873
_cell.angle_gamma   90.0
#
_symmetry.space_group_name_H-M   'P 1 21 1'
#
loop_
_entity.id
_entity.type
_entity.pdbx_description
1 polymer 'MHC class I antigen'
2 polymer Beta-2-microglobulin
3 polymer '4-mer lipopeptide'
4 non-polymer 2-AMINO-2-HYDROXYMETHYL-PROPANE-1,3-DIOL
5 non-polymer 'ACETATE ION'
6 non-polymer 'ZINC ION'
7 non-polymer 1,2-ETHANEDIOL
8 water water
#
loop_
_entity_poly.entity_id
_entity_poly.type
_entity_poly.pdbx_seq_one_letter_code
_entity_poly.pdbx_strand_id
1 'polypeptide(L)'
;AGSHSMRYFSTSVSRPGRGEPRFIAVGYVDDTQFVRFDSDAASQRMEPRAPWIEQEGPEYWDEETGKVKAHSQTDRENLR
IALRYYNQSEAGSHTLQMMFGCDVGSDGRFLRGYHQYAYDGKDYIALKEDLRSWTAADMAAQITKRKWEAAHVAEQQRAY
LEGTCVDGLRRYLENGKETLQRTDPPKTHMTHHPISDHEATLRCWALGFYPAEITLTWQRDGEDQTQDTELVETRPAGDG
TFQKWAAVVVPSGEEQRYTCHVQHEGLPKPLTLRWEP
;
A,D
2 'polypeptide(L)'
;AIQRTPKIQVYSRHPAENGKSNFLNCYVSGFHPSDIEVDLLKNGERIEKVEHSDLSFSKDWSFYLLYYTEFTPTEKDEYA
CRVNHVTLSQPKIVKWDRDM
;
B,E
3 'polypeptide(L)' (MYR)GANF C,F
#
# COMPACT_ATOMS: atom_id res chain seq x y z
N ALA A 1 -1.62 -12.25 -16.72
CA ALA A 1 -2.48 -11.80 -17.81
C ALA A 1 -2.03 -10.42 -18.28
N GLY A 2 -2.49 -10.01 -19.47
CA GLY A 2 -2.09 -8.74 -20.04
C GLY A 2 -2.56 -7.50 -19.28
N SER A 3 -3.65 -7.61 -18.54
CA SER A 3 -4.05 -6.51 -17.66
C SER A 3 -4.75 -7.10 -16.44
N HIS A 4 -4.81 -6.30 -15.39
CA HIS A 4 -5.33 -6.74 -14.10
C HIS A 4 -6.16 -5.63 -13.49
N SER A 5 -7.09 -6.03 -12.62
CA SER A 5 -7.91 -5.05 -11.93
C SER A 5 -7.98 -5.38 -10.46
N MET A 6 -8.10 -4.34 -9.65
CA MET A 6 -8.55 -4.48 -8.27
C MET A 6 -9.84 -3.70 -8.13
N ARG A 7 -10.83 -4.31 -7.48
CA ARG A 7 -12.14 -3.67 -7.33
C ARG A 7 -12.63 -3.90 -5.93
N TYR A 8 -13.11 -2.84 -5.26
CA TYR A 8 -13.84 -2.96 -4.01
C TYR A 8 -15.30 -2.62 -4.26
N PHE A 9 -16.19 -3.35 -3.59
CA PHE A 9 -17.64 -3.20 -3.75
C PHE A 9 -18.28 -3.17 -2.37
N SER A 10 -19.27 -2.31 -2.17
CA SER A 10 -20.01 -2.31 -0.91
C SER A 10 -21.48 -2.12 -1.21
N THR A 11 -22.32 -2.71 -0.36
CA THR A 11 -23.76 -2.60 -0.43
C THR A 11 -24.29 -2.30 0.96
N SER A 12 -25.09 -1.25 1.09
CA SER A 12 -25.80 -0.95 2.33
C SER A 12 -27.30 -1.00 2.07
N VAL A 13 -28.03 -1.71 2.93
CA VAL A 13 -29.47 -1.89 2.75
C VAL A 13 -30.13 -1.47 4.06
N SER A 14 -30.94 -0.41 4.02
CA SER A 14 -31.59 -0.01 5.26
C SER A 14 -32.64 -1.05 5.67
N ARG A 15 -32.87 -1.13 6.98
CA ARG A 15 -33.77 -2.11 7.59
C ARG A 15 -34.69 -1.40 8.58
N PRO A 16 -35.62 -0.57 8.09
CA PRO A 16 -36.43 0.25 9.01
C PRO A 16 -37.17 -0.59 10.05
N GLY A 17 -37.10 -0.16 11.30
CA GLY A 17 -37.68 -0.92 12.39
C GLY A 17 -36.88 -2.12 12.84
N ARG A 18 -35.77 -2.44 12.15
CA ARG A 18 -34.97 -3.61 12.50
C ARG A 18 -33.50 -3.25 12.72
N GLY A 19 -33.22 -2.03 13.16
CA GLY A 19 -31.85 -1.65 13.46
C GLY A 19 -31.13 -0.99 12.30
N GLU A 20 -29.81 -0.96 12.42
CA GLU A 20 -28.98 -0.24 11.45
C GLU A 20 -28.92 -0.99 10.12
N PRO A 21 -28.53 -0.31 9.04
CA PRO A 21 -28.49 -0.98 7.72
C PRO A 21 -27.52 -2.14 7.70
N ARG A 22 -27.88 -3.15 6.91
CA ARG A 22 -26.97 -4.25 6.62
C ARG A 22 -25.90 -3.75 5.66
N PHE A 23 -24.63 -4.04 5.98
CA PHE A 23 -23.50 -3.56 5.18
C PHE A 23 -22.62 -4.75 4.82
N ILE A 24 -22.42 -4.97 3.51
CA ILE A 24 -21.59 -6.06 3.00
C ILE A 24 -20.61 -5.47 2.00
N ALA A 25 -19.32 -5.74 2.21
CA ALA A 25 -18.28 -5.27 1.29
C ALA A 25 -17.38 -6.43 0.90
N VAL A 26 -16.88 -6.41 -0.34
CA VAL A 26 -15.99 -7.45 -0.85
C VAL A 26 -14.92 -6.78 -1.72
N GLY A 27 -13.75 -7.40 -1.78
CA GLY A 27 -12.68 -6.94 -2.66
C GLY A 27 -12.26 -8.07 -3.59
N TYR A 28 -11.92 -7.71 -4.83
CA TYR A 28 -11.53 -8.66 -5.86
C TYR A 28 -10.23 -8.20 -6.48
N VAL A 29 -9.40 -9.16 -6.85
CA VAL A 29 -8.36 -8.97 -7.86
C VAL A 29 -8.79 -9.79 -9.06
N ASP A 30 -9.02 -9.13 -10.19
CA ASP A 30 -9.59 -9.82 -11.38
C ASP A 30 -10.87 -10.52 -10.94
N ASP A 31 -11.02 -11.82 -11.21
CA ASP A 31 -12.21 -12.56 -10.83
C ASP A 31 -12.04 -13.36 -9.55
N THR A 32 -11.05 -13.03 -8.74
CA THR A 32 -10.75 -13.75 -7.50
C THR A 32 -11.09 -12.84 -6.32
N GLN A 33 -12.09 -13.23 -5.53
CA GLN A 33 -12.38 -12.49 -4.31
C GLN A 33 -11.29 -12.74 -3.27
N PHE A 34 -10.93 -11.71 -2.49
CA PHE A 34 -9.89 -11.91 -1.47
C PHE A 34 -10.20 -11.36 -0.08
N VAL A 35 -11.21 -10.49 0.08
CA VAL A 35 -11.59 -10.01 1.41
C VAL A 35 -13.09 -9.84 1.46
N ARG A 36 -13.64 -9.89 2.68
CA ARG A 36 -15.03 -9.49 2.89
C ARG A 36 -15.19 -8.79 4.23
N PHE A 37 -16.30 -8.08 4.37
CA PHE A 37 -16.76 -7.57 5.65
C PHE A 37 -18.28 -7.64 5.64
N ASP A 38 -18.87 -8.11 6.73
CA ASP A 38 -20.33 -8.23 6.83
C ASP A 38 -20.74 -7.70 8.20
N SER A 39 -21.56 -6.63 8.21
CA SER A 39 -21.99 -6.05 9.47
C SER A 39 -22.77 -7.03 10.35
N ASP A 40 -23.37 -8.06 9.76
CA ASP A 40 -24.09 -9.09 10.55
C ASP A 40 -23.15 -10.06 11.24
N ALA A 41 -21.90 -10.19 10.79
CA ALA A 41 -21.00 -11.20 11.35
C ALA A 41 -20.46 -10.78 12.71
N ALA A 42 -20.16 -11.78 13.53
CA ALA A 42 -19.79 -11.51 14.92
C ALA A 42 -18.41 -10.86 15.05
N SER A 43 -17.47 -11.17 14.16
CA SER A 43 -16.09 -10.71 14.37
C SER A 43 -15.96 -9.19 14.27
N GLN A 44 -16.79 -8.56 13.44
CA GLN A 44 -16.67 -7.13 13.13
C GLN A 44 -15.26 -6.80 12.61
N ARG A 45 -14.70 -7.72 11.85
CA ARG A 45 -13.41 -7.54 11.22
C ARG A 45 -13.50 -7.80 9.74
N MET A 46 -12.61 -7.16 8.99
CA MET A 46 -12.38 -7.60 7.63
CA MET A 46 -12.35 -7.60 7.63
C MET A 46 -11.75 -8.99 7.66
N GLU A 47 -12.22 -9.86 6.77
CA GLU A 47 -11.85 -11.27 6.81
CA GLU A 47 -11.86 -11.27 6.80
C GLU A 47 -11.27 -11.71 5.47
N PRO A 48 -10.26 -12.58 5.50
CA PRO A 48 -9.63 -13.04 4.27
C PRO A 48 -10.53 -14.03 3.52
N ARG A 49 -10.48 -13.96 2.20
CA ARG A 49 -11.24 -14.93 1.40
C ARG A 49 -10.39 -15.60 0.32
N ALA A 50 -9.10 -15.32 0.28
CA ALA A 50 -8.13 -16.00 -0.56
C ALA A 50 -6.87 -16.22 0.26
N PRO A 51 -6.17 -17.34 0.04
CA PRO A 51 -5.03 -17.66 0.92
C PRO A 51 -3.91 -16.63 0.90
N TRP A 52 -3.61 -16.05 -0.26
CA TRP A 52 -2.45 -15.18 -0.34
C TRP A 52 -2.63 -13.87 0.42
N ILE A 53 -3.87 -13.45 0.71
CA ILE A 53 -4.01 -12.20 1.46
C ILE A 53 -3.61 -12.40 2.91
N GLU A 54 -3.52 -13.64 3.39
CA GLU A 54 -3.15 -13.88 4.77
C GLU A 54 -1.67 -13.62 5.02
N GLN A 55 -0.91 -13.34 3.96
CA GLN A 55 0.48 -12.90 4.07
C GLN A 55 0.61 -11.47 4.58
N GLU A 56 -0.50 -10.74 4.65
N GLU A 56 -0.48 -10.70 4.70
CA GLU A 56 -0.49 -9.36 5.15
CA GLU A 56 -0.34 -9.26 4.85
C GLU A 56 -0.40 -9.35 6.67
C GLU A 56 0.32 -8.87 6.18
N GLY A 57 0.38 -8.40 7.18
N GLY A 57 -0.17 -9.38 7.30
CA GLY A 57 0.63 -8.32 8.60
CA GLY A 57 0.31 -8.96 8.60
C GLY A 57 -0.58 -7.88 9.39
C GLY A 57 -0.72 -8.22 9.40
N PRO A 58 -0.50 -8.06 10.72
CA PRO A 58 -1.59 -7.63 11.60
C PRO A 58 -1.98 -6.17 11.49
N GLU A 59 -1.03 -5.27 11.19
CA GLU A 59 -1.39 -3.87 11.00
C GLU A 59 -2.37 -3.72 9.85
N TYR A 60 -2.18 -4.49 8.77
CA TYR A 60 -3.08 -4.43 7.62
C TYR A 60 -4.53 -4.70 8.05
N TRP A 61 -4.73 -5.77 8.81
CA TRP A 61 -6.08 -6.17 9.17
C TRP A 61 -6.72 -5.14 10.11
N ASP A 62 -5.93 -4.59 11.04
CA ASP A 62 -6.44 -3.52 11.89
C ASP A 62 -6.82 -2.29 11.08
N GLU A 63 -5.93 -1.84 10.19
CA GLU A 63 -6.17 -0.60 9.47
C GLU A 63 -7.32 -0.72 8.49
N GLU A 64 -7.35 -1.80 7.72
CA GLU A 64 -8.43 -2.02 6.77
C GLU A 64 -9.77 -2.20 7.49
N THR A 65 -9.76 -2.87 8.64
CA THR A 65 -11.01 -3.00 9.39
C THR A 65 -11.52 -1.63 9.83
N GLY A 66 -10.63 -0.77 10.32
CA GLY A 66 -11.07 0.55 10.71
C GLY A 66 -11.65 1.34 9.55
N LYS A 67 -11.01 1.25 8.39
CA LYS A 67 -11.50 2.00 7.23
C LYS A 67 -12.84 1.48 6.74
N VAL A 68 -13.02 0.15 6.70
CA VAL A 68 -14.28 -0.39 6.20
C VAL A 68 -15.42 -0.07 7.16
N LYS A 69 -15.15 -0.09 8.48
CA LYS A 69 -16.17 0.30 9.44
C LYS A 69 -16.51 1.77 9.31
N ALA A 70 -15.51 2.62 9.13
CA ALA A 70 -15.81 4.04 8.91
C ALA A 70 -16.65 4.23 7.66
N HIS A 71 -16.36 3.47 6.60
CA HIS A 71 -17.17 3.59 5.38
C HIS A 71 -18.61 3.15 5.64
N SER A 72 -18.83 2.09 6.42
CA SER A 72 -20.22 1.69 6.70
C SER A 72 -20.98 2.82 7.41
N GLN A 73 -20.31 3.54 8.32
CA GLN A 73 -20.93 4.70 8.96
C GLN A 73 -21.24 5.82 7.95
N THR A 74 -20.30 6.13 7.05
CA THR A 74 -20.58 7.13 6.01
C THR A 74 -21.80 6.73 5.17
N ASP A 75 -21.90 5.46 4.81
CA ASP A 75 -23.03 5.09 3.96
C ASP A 75 -24.34 5.02 4.74
N ARG A 76 -24.27 4.76 6.05
CA ARG A 76 -25.44 4.91 6.90
C ARG A 76 -25.95 6.36 6.85
N GLU A 77 -25.02 7.31 6.95
CA GLU A 77 -25.36 8.73 6.85
C GLU A 77 -25.88 9.07 5.45
N ASN A 78 -25.26 8.52 4.41
CA ASN A 78 -25.68 8.85 3.05
C ASN A 78 -27.06 8.30 2.72
N LEU A 79 -27.44 7.15 3.27
CA LEU A 79 -28.81 6.68 3.09
C LEU A 79 -29.81 7.66 3.68
N ARG A 80 -29.47 8.26 4.83
CA ARG A 80 -30.35 9.25 5.43
C ARG A 80 -30.43 10.49 4.57
N ILE A 81 -29.30 10.97 4.05
CA ILE A 81 -29.30 12.15 3.19
C ILE A 81 -30.13 11.90 1.94
N ALA A 82 -30.01 10.70 1.36
CA ALA A 82 -30.77 10.36 0.15
C ALA A 82 -32.26 10.46 0.38
N LEU A 83 -32.74 9.99 1.54
CA LEU A 83 -34.16 10.11 1.86
C LEU A 83 -34.61 11.55 1.76
N ARG A 84 -33.82 12.47 2.30
CA ARG A 84 -34.21 13.88 2.23
C ARG A 84 -34.18 14.39 0.80
N TYR A 85 -33.09 14.09 0.07
CA TYR A 85 -32.96 14.58 -1.30
C TYR A 85 -34.11 14.10 -2.19
N TYR A 86 -34.57 12.87 -1.98
CA TYR A 86 -35.62 12.29 -2.80
C TYR A 86 -36.99 12.39 -2.15
N ASN A 87 -37.07 13.00 -0.97
CA ASN A 87 -38.33 13.12 -0.23
C ASN A 87 -39.02 11.76 -0.08
N GLN A 88 -38.24 10.76 0.37
CA GLN A 88 -38.72 9.42 0.64
C GLN A 88 -38.95 9.22 2.14
N SER A 89 -39.86 8.30 2.48
CA SER A 89 -40.20 8.12 3.88
C SER A 89 -39.18 7.22 4.58
N GLU A 90 -39.16 7.30 5.90
CA GLU A 90 -38.31 6.45 6.73
C GLU A 90 -38.83 5.03 6.84
N ALA A 91 -40.00 4.72 6.27
CA ALA A 91 -40.59 3.39 6.40
C ALA A 91 -40.05 2.39 5.37
N GLY A 92 -39.56 2.87 4.20
CA GLY A 92 -39.12 1.97 3.15
C GLY A 92 -37.64 1.57 3.26
N SER A 93 -37.31 0.44 2.66
CA SER A 93 -35.94 -0.04 2.59
CA SER A 93 -35.93 -0.03 2.59
C SER A 93 -35.29 0.44 1.29
N HIS A 94 -34.04 0.89 1.38
CA HIS A 94 -33.33 1.41 0.21
C HIS A 94 -31.92 0.84 0.18
N THR A 95 -31.28 0.94 -1.00
CA THR A 95 -29.99 0.31 -1.23
C THR A 95 -29.01 1.35 -1.74
N LEU A 96 -27.81 1.36 -1.15
CA LEU A 96 -26.73 2.22 -1.61
C LEU A 96 -25.54 1.33 -1.93
N GLN A 97 -25.05 1.40 -3.18
CA GLN A 97 -23.91 0.60 -3.60
C GLN A 97 -22.77 1.51 -4.04
N MET A 98 -21.55 1.06 -3.80
CA MET A 98 -20.35 1.79 -4.19
C MET A 98 -19.34 0.83 -4.79
N MET A 99 -18.59 1.31 -5.78
CA MET A 99 -17.51 0.50 -6.33
C MET A 99 -16.34 1.43 -6.62
N PHE A 100 -15.13 0.97 -6.32
CA PHE A 100 -13.95 1.71 -6.79
C PHE A 100 -12.83 0.71 -7.10
N GLY A 101 -11.83 1.17 -7.84
CA GLY A 101 -10.72 0.30 -8.16
C GLY A 101 -9.90 0.84 -9.31
N CYS A 102 -8.91 0.06 -9.70
CA CYS A 102 -7.93 0.46 -10.69
CA CYS A 102 -8.00 0.48 -10.76
C CYS A 102 -7.64 -0.71 -11.62
N ASP A 103 -7.28 -0.40 -12.87
CA ASP A 103 -6.76 -1.37 -13.82
C ASP A 103 -5.29 -1.00 -14.06
N VAL A 104 -4.42 -2.02 -14.10
CA VAL A 104 -3.02 -1.83 -14.46
C VAL A 104 -2.67 -2.79 -15.59
N GLY A 105 -1.77 -2.36 -16.47
CA GLY A 105 -1.28 -3.25 -17.50
C GLY A 105 -0.27 -4.25 -16.95
N SER A 106 0.09 -5.21 -17.79
CA SER A 106 1.11 -6.18 -17.41
C SER A 106 2.50 -5.55 -17.24
N ASP A 107 2.72 -4.34 -17.76
CA ASP A 107 3.94 -3.62 -17.44
C ASP A 107 3.88 -2.96 -16.06
N GLY A 108 2.78 -3.11 -15.33
CA GLY A 108 2.65 -2.57 -13.99
C GLY A 108 2.19 -1.13 -13.92
N ARG A 109 1.82 -0.53 -15.04
CA ARG A 109 1.44 0.88 -15.09
C ARG A 109 -0.08 1.06 -15.04
N PHE A 110 -0.51 2.10 -14.33
CA PHE A 110 -1.92 2.48 -14.23
C PHE A 110 -2.56 2.64 -15.60
N LEU A 111 -3.77 2.08 -15.75
CA LEU A 111 -4.55 2.24 -16.97
C LEU A 111 -5.81 3.07 -16.78
N ARG A 112 -6.60 2.78 -15.74
CA ARG A 112 -7.92 3.38 -15.56
C ARG A 112 -8.29 3.29 -14.09
N GLY A 113 -9.06 4.27 -13.62
CA GLY A 113 -9.58 4.26 -12.26
C GLY A 113 -11.09 4.46 -12.27
N TYR A 114 -11.72 4.02 -11.18
CA TYR A 114 -13.17 4.07 -11.06
C TYR A 114 -13.54 4.42 -9.64
N HIS A 115 -14.61 5.19 -9.48
CA HIS A 115 -15.18 5.52 -8.21
C HIS A 115 -16.63 5.96 -8.44
N GLN A 116 -17.58 5.08 -8.12
CA GLN A 116 -18.98 5.33 -8.39
C GLN A 116 -19.98 4.78 -7.38
N TYR A 117 -21.17 5.34 -7.45
CA TYR A 117 -22.26 5.06 -6.52
CA TYR A 117 -22.25 5.04 -6.52
C TYR A 117 -23.54 4.82 -7.28
N ALA A 118 -24.40 3.94 -6.72
CA ALA A 118 -25.75 3.75 -7.22
C ALA A 118 -26.71 3.81 -6.03
N TYR A 119 -27.88 4.41 -6.22
CA TYR A 119 -28.91 4.43 -5.19
C TYR A 119 -30.13 3.70 -5.73
N ASP A 120 -30.61 2.68 -5.01
CA ASP A 120 -31.73 1.85 -5.43
C ASP A 120 -31.53 1.31 -6.85
N GLY A 121 -30.31 0.91 -7.13
CA GLY A 121 -29.96 0.23 -8.36
C GLY A 121 -29.75 1.11 -9.58
N LYS A 122 -29.80 2.43 -9.41
CA LYS A 122 -29.63 3.38 -10.50
C LYS A 122 -28.40 4.24 -10.23
N ASP A 123 -27.62 4.53 -11.28
CA ASP A 123 -26.45 5.39 -11.15
C ASP A 123 -26.78 6.67 -10.39
N TYR A 124 -25.92 7.03 -9.45
CA TYR A 124 -26.07 8.26 -8.71
C TYR A 124 -24.97 9.25 -9.08
N ILE A 125 -23.71 8.92 -8.78
CA ILE A 125 -22.61 9.80 -9.14
C ILE A 125 -21.40 8.93 -9.43
N ALA A 126 -20.57 9.35 -10.40
CA ALA A 126 -19.42 8.57 -10.80
C ALA A 126 -18.26 9.50 -11.19
N LEU A 127 -17.05 9.11 -10.79
CA LEU A 127 -15.85 9.79 -11.24
C LEU A 127 -15.68 9.53 -12.73
N LYS A 128 -15.43 10.59 -13.52
CA LYS A 128 -15.22 10.42 -14.95
C LYS A 128 -13.85 9.83 -15.24
N GLU A 129 -13.65 9.42 -16.50
CA GLU A 129 -12.42 8.70 -16.86
C GLU A 129 -11.17 9.53 -16.60
N ASP A 130 -11.23 10.85 -16.76
CA ASP A 130 -10.00 11.58 -16.51
C ASP A 130 -9.73 11.81 -15.04
N LEU A 131 -10.62 11.35 -14.16
CA LEU A 131 -10.48 11.44 -12.71
C LEU A 131 -10.45 12.88 -12.22
N ARG A 132 -10.99 13.81 -13.01
CA ARG A 132 -10.98 15.22 -12.65
C ARG A 132 -12.37 15.79 -12.36
N SER A 133 -13.43 15.09 -12.71
CA SER A 133 -14.77 15.62 -12.51
C SER A 133 -15.75 14.47 -12.41
N TRP A 134 -17.02 14.81 -12.18
CA TRP A 134 -18.05 13.86 -11.82
C TRP A 134 -19.18 13.85 -12.84
N THR A 135 -19.73 12.67 -13.08
CA THR A 135 -20.99 12.51 -13.79
C THR A 135 -22.07 12.28 -12.74
N ALA A 136 -23.01 13.21 -12.64
CA ALA A 136 -24.10 13.12 -11.68
C ALA A 136 -25.39 12.89 -12.44
N ALA A 137 -26.15 11.87 -12.03
CA ALA A 137 -27.21 11.34 -12.89
C ALA A 137 -28.51 12.13 -12.82
N ASP A 138 -28.79 12.86 -11.74
CA ASP A 138 -30.11 13.46 -11.57
C ASP A 138 -29.99 14.72 -10.70
N MET A 139 -31.14 15.30 -10.32
CA MET A 139 -31.11 16.57 -9.58
C MET A 139 -30.43 16.42 -8.22
N ALA A 140 -30.76 15.35 -7.48
CA ALA A 140 -30.15 15.13 -6.18
C ALA A 140 -28.64 14.99 -6.28
N ALA A 141 -28.16 14.23 -7.26
CA ALA A 141 -26.72 14.04 -7.41
C ALA A 141 -25.98 15.33 -7.74
N GLN A 142 -26.64 16.36 -8.31
CA GLN A 142 -25.94 17.61 -8.55
C GLN A 142 -25.62 18.31 -7.25
N ILE A 143 -26.47 18.15 -6.23
CA ILE A 143 -26.18 18.71 -4.93
C ILE A 143 -24.91 18.08 -4.37
N THR A 144 -24.81 16.75 -4.48
CA THR A 144 -23.60 16.06 -4.05
C THR A 144 -22.40 16.49 -4.89
N LYS A 145 -22.57 16.59 -6.20
CA LYS A 145 -21.46 16.98 -7.08
C LYS A 145 -20.92 18.35 -6.68
N ARG A 146 -21.80 19.32 -6.60
CA ARG A 146 -21.36 20.64 -6.00
CA ARG A 146 -21.36 20.64 -6.00
C ARG A 146 -20.42 20.63 -4.67
N LYS A 147 -20.86 19.83 -3.71
CA LYS A 147 -20.18 19.66 -2.44
C LYS A 147 -18.86 18.96 -2.70
N TRP A 148 -18.89 17.91 -3.53
CA TRP A 148 -17.65 17.21 -3.82
C TRP A 148 -16.67 18.06 -4.62
N GLU A 149 -17.20 18.91 -5.49
CA GLU A 149 -16.34 19.84 -6.20
C GLU A 149 -15.68 20.83 -5.23
N ALA A 150 -16.44 21.37 -4.28
CA ALA A 150 -15.85 22.37 -3.38
C ALA A 150 -14.83 21.74 -2.44
N ALA A 151 -15.00 20.45 -2.10
CA ALA A 151 -14.09 19.74 -1.20
C ALA A 151 -12.95 19.05 -1.93
N HIS A 152 -12.91 19.12 -3.26
CA HIS A 152 -11.86 18.51 -4.06
C HIS A 152 -11.76 17.01 -3.80
N VAL A 153 -12.91 16.34 -3.74
CA VAL A 153 -12.93 14.89 -3.56
C VAL A 153 -12.28 14.19 -4.75
N ALA A 154 -12.42 14.73 -5.96
CA ALA A 154 -11.86 14.04 -7.12
C ALA A 154 -10.34 13.94 -7.02
N GLU A 155 -9.68 15.00 -6.57
CA GLU A 155 -8.22 14.95 -6.44
C GLU A 155 -7.79 13.95 -5.38
N GLN A 156 -8.56 13.80 -4.30
CA GLN A 156 -8.22 12.82 -3.28
C GLN A 156 -8.37 11.41 -3.85
N GLN A 157 -9.43 11.18 -4.63
CA GLN A 157 -9.69 9.86 -5.19
C GLN A 157 -8.67 9.52 -6.28
N ARG A 158 -8.37 10.49 -7.14
CA ARG A 158 -7.37 10.27 -8.17
C ARG A 158 -6.02 9.86 -7.58
N ALA A 159 -5.63 10.50 -6.48
CA ALA A 159 -4.34 10.19 -5.87
C ALA A 159 -4.33 8.80 -5.25
N TYR A 160 -5.43 8.38 -4.63
CA TYR A 160 -5.52 7.01 -4.13
C TYR A 160 -5.48 6.00 -5.27
N LEU A 161 -6.23 6.26 -6.35
CA LEU A 161 -6.41 5.28 -7.43
C LEU A 161 -5.13 5.09 -8.23
N GLU A 162 -4.38 6.17 -8.45
CA GLU A 162 -3.12 6.10 -9.18
C GLU A 162 -1.96 5.68 -8.30
N GLY A 163 -2.12 5.72 -6.97
CA GLY A 163 -1.03 5.47 -6.05
C GLY A 163 -1.26 4.20 -5.26
N THR A 164 -1.87 4.35 -4.07
CA THR A 164 -2.07 3.23 -3.15
C THR A 164 -2.79 2.06 -3.79
N CYS A 165 -3.79 2.32 -4.63
CA CYS A 165 -4.53 1.24 -5.29
CA CYS A 165 -4.53 1.24 -5.26
C CYS A 165 -3.62 0.43 -6.17
N VAL A 166 -2.83 1.11 -7.00
CA VAL A 166 -1.89 0.42 -7.89
C VAL A 166 -0.86 -0.36 -7.06
N ASP A 167 -0.30 0.27 -6.03
CA ASP A 167 0.69 -0.40 -5.19
C ASP A 167 0.13 -1.68 -4.58
N GLY A 168 -1.12 -1.61 -4.09
CA GLY A 168 -1.72 -2.77 -3.47
C GLY A 168 -1.95 -3.88 -4.48
N LEU A 169 -2.48 -3.53 -5.66
CA LEU A 169 -2.68 -4.53 -6.70
C LEU A 169 -1.37 -5.21 -7.09
N ARG A 170 -0.30 -4.44 -7.24
CA ARG A 170 0.97 -5.06 -7.61
C ARG A 170 1.47 -5.99 -6.51
N ARG A 171 1.32 -5.61 -5.24
CA ARG A 171 1.73 -6.49 -4.15
C ARG A 171 0.92 -7.77 -4.14
N TYR A 172 -0.41 -7.68 -4.36
CA TYR A 172 -1.22 -8.88 -4.35
C TYR A 172 -0.85 -9.81 -5.49
N LEU A 173 -0.54 -9.24 -6.67
CA LEU A 173 -0.16 -10.08 -7.81
C LEU A 173 1.14 -10.81 -7.54
N GLU A 174 2.06 -10.18 -6.80
CA GLU A 174 3.29 -10.84 -6.40
C GLU A 174 3.03 -11.95 -5.39
N ASN A 175 2.31 -11.65 -4.31
CA ASN A 175 2.07 -12.65 -3.28
C ASN A 175 1.19 -13.78 -3.78
N GLY A 176 0.22 -13.49 -4.64
CA GLY A 176 -0.63 -14.53 -5.16
C GLY A 176 -0.29 -14.98 -6.57
N LYS A 177 0.96 -14.77 -6.97
CA LYS A 177 1.38 -14.95 -8.37
C LYS A 177 0.96 -16.31 -8.94
N GLU A 178 1.20 -17.39 -8.19
CA GLU A 178 0.95 -18.74 -8.69
C GLU A 178 -0.50 -18.93 -9.13
N THR A 179 -1.45 -18.29 -8.45
CA THR A 179 -2.83 -18.43 -8.88
C THR A 179 -3.33 -17.22 -9.66
N LEU A 180 -2.95 -16.01 -9.27
CA LEU A 180 -3.53 -14.81 -9.89
C LEU A 180 -3.03 -14.58 -11.31
N GLN A 181 -1.83 -15.05 -11.65
CA GLN A 181 -1.26 -14.80 -12.97
C GLN A 181 -1.59 -15.89 -13.98
N ARG A 182 -2.37 -16.89 -13.61
CA ARG A 182 -2.64 -17.95 -14.57
C ARG A 182 -3.64 -17.47 -15.62
N THR A 183 -3.50 -18.03 -16.82
CA THR A 183 -4.49 -17.87 -17.89
C THR A 183 -4.74 -19.29 -18.36
N ASP A 184 -5.64 -19.99 -17.67
CA ASP A 184 -5.97 -21.37 -18.01
C ASP A 184 -6.99 -21.37 -19.14
N PRO A 185 -6.66 -21.90 -20.31
CA PRO A 185 -7.60 -21.86 -21.45
C PRO A 185 -8.78 -22.78 -21.23
N PRO A 186 -9.90 -22.53 -21.92
CA PRO A 186 -11.04 -23.42 -21.78
C PRO A 186 -10.76 -24.78 -22.41
N LYS A 187 -11.31 -25.80 -21.79
CA LYS A 187 -11.51 -27.08 -22.46
C LYS A 187 -12.85 -26.99 -23.17
N THR A 188 -12.86 -27.33 -24.47
CA THR A 188 -14.05 -27.14 -25.28
C THR A 188 -14.51 -28.45 -25.90
N HIS A 189 -15.82 -28.52 -26.15
CA HIS A 189 -16.41 -29.62 -26.89
C HIS A 189 -17.81 -29.18 -27.30
N MET A 190 -18.45 -29.99 -28.12
CA MET A 190 -19.76 -29.69 -28.67
C MET A 190 -20.67 -30.87 -28.43
N THR A 191 -21.93 -30.58 -28.11
CA THR A 191 -22.93 -31.62 -28.00
C THR A 191 -24.05 -31.34 -28.99
N HIS A 192 -24.85 -32.37 -29.24
CA HIS A 192 -25.90 -32.34 -30.26
C HIS A 192 -27.14 -32.95 -29.62
N HIS A 193 -28.27 -32.23 -29.72
CA HIS A 193 -29.50 -32.61 -29.02
C HIS A 193 -30.71 -32.48 -29.94
N PRO A 194 -31.17 -33.58 -30.54
CA PRO A 194 -32.36 -33.50 -31.40
C PRO A 194 -33.58 -32.96 -30.65
N ILE A 195 -34.27 -32.02 -31.28
CA ILE A 195 -35.47 -31.41 -30.72
C ILE A 195 -36.74 -32.03 -31.30
N SER A 196 -36.68 -32.38 -32.57
CA SER A 196 -37.80 -32.91 -33.35
C SER A 196 -37.18 -33.52 -34.60
N ASP A 197 -38.03 -33.96 -35.53
CA ASP A 197 -37.50 -34.45 -36.80
C ASP A 197 -37.04 -33.33 -37.72
N HIS A 198 -37.32 -32.06 -37.40
CA HIS A 198 -36.90 -30.94 -38.22
C HIS A 198 -35.70 -30.18 -37.70
N GLU A 199 -35.35 -30.31 -36.41
CA GLU A 199 -34.43 -29.39 -35.76
C GLU A 199 -33.62 -30.10 -34.69
N ALA A 200 -32.42 -29.57 -34.43
CA ALA A 200 -31.58 -30.07 -33.36
C ALA A 200 -30.83 -28.89 -32.74
N THR A 201 -30.33 -29.10 -31.52
CA THR A 201 -29.54 -28.09 -30.84
C THR A 201 -28.07 -28.51 -30.86
N LEU A 202 -27.22 -27.62 -31.36
CA LEU A 202 -25.78 -27.73 -31.16
C LEU A 202 -25.39 -26.83 -30.00
N ARG A 203 -24.66 -27.37 -29.04
CA ARG A 203 -24.25 -26.59 -27.88
C ARG A 203 -22.74 -26.66 -27.78
N CYS A 204 -22.11 -25.50 -27.69
CA CYS A 204 -20.66 -25.38 -27.63
C CYS A 204 -20.26 -25.06 -26.20
N TRP A 205 -19.35 -25.86 -25.64
CA TRP A 205 -18.98 -25.78 -24.22
C TRP A 205 -17.56 -25.26 -24.03
N ALA A 206 -17.38 -24.36 -23.05
CA ALA A 206 -16.08 -23.91 -22.57
C ALA A 206 -16.04 -24.13 -21.08
N LEU A 207 -15.05 -24.91 -20.61
CA LEU A 207 -15.02 -25.37 -19.22
C LEU A 207 -13.63 -25.17 -18.66
N GLY A 208 -13.57 -24.83 -17.38
CA GLY A 208 -12.31 -24.85 -16.65
C GLY A 208 -11.36 -23.72 -16.93
N PHE A 209 -11.86 -22.57 -17.39
CA PHE A 209 -11.00 -21.46 -17.77
C PHE A 209 -10.95 -20.38 -16.68
N TYR A 210 -9.84 -19.63 -16.71
CA TYR A 210 -9.59 -18.47 -15.84
C TYR A 210 -8.65 -17.57 -16.61
N PRO A 211 -8.85 -16.24 -16.60
CA PRO A 211 -9.92 -15.47 -15.96
C PRO A 211 -11.28 -15.62 -16.67
N ALA A 212 -12.29 -14.93 -16.19
CA ALA A 212 -13.65 -15.21 -16.65
C ALA A 212 -13.92 -14.67 -18.06
N GLU A 213 -13.20 -13.63 -18.47
CA GLU A 213 -13.43 -13.00 -19.77
C GLU A 213 -13.27 -14.03 -20.89
N ILE A 214 -14.27 -14.13 -21.76
CA ILE A 214 -14.25 -15.12 -22.85
C ILE A 214 -15.26 -14.67 -23.89
N THR A 215 -15.04 -15.08 -25.13
CA THR A 215 -16.01 -14.85 -26.20
C THR A 215 -16.34 -16.18 -26.86
N LEU A 216 -17.61 -16.53 -26.84
CA LEU A 216 -18.14 -17.74 -27.46
C LEU A 216 -19.17 -17.30 -28.47
N THR A 217 -18.98 -17.66 -29.74
CA THR A 217 -19.89 -17.21 -30.78
C THR A 217 -20.14 -18.35 -31.76
N TRP A 218 -21.32 -18.31 -32.38
CA TRP A 218 -21.67 -19.25 -33.45
C TRP A 218 -21.66 -18.50 -34.77
N GLN A 219 -21.14 -19.16 -35.80
CA GLN A 219 -21.26 -18.70 -37.17
C GLN A 219 -22.04 -19.73 -37.98
N ARG A 220 -22.79 -19.23 -38.97
CA ARG A 220 -23.35 -20.07 -40.02
C ARG A 220 -22.82 -19.54 -41.35
N ASP A 221 -22.18 -20.42 -42.12
CA ASP A 221 -21.55 -20.02 -43.38
C ASP A 221 -20.66 -18.80 -43.19
N GLY A 222 -19.91 -18.76 -42.10
CA GLY A 222 -19.00 -17.66 -41.88
C GLY A 222 -19.61 -16.37 -41.39
N GLU A 223 -20.89 -16.38 -41.01
CA GLU A 223 -21.59 -15.17 -40.60
C GLU A 223 -22.04 -15.28 -39.15
N ASP A 224 -21.82 -14.23 -38.38
CA ASP A 224 -22.19 -14.25 -36.97
C ASP A 224 -23.68 -14.54 -36.80
N GLN A 225 -23.99 -15.41 -35.85
CA GLN A 225 -25.36 -15.75 -35.50
C GLN A 225 -25.78 -15.07 -34.21
N THR A 226 -25.39 -13.81 -34.02
CA THR A 226 -25.68 -13.14 -32.76
C THR A 226 -27.18 -12.98 -32.54
N GLN A 227 -27.93 -12.93 -33.63
CA GLN A 227 -29.38 -12.73 -33.59
C GLN A 227 -30.07 -14.07 -33.28
N ASP A 228 -29.33 -15.17 -33.20
CA ASP A 228 -30.04 -16.43 -32.90
C ASP A 228 -29.28 -17.31 -31.92
N THR A 229 -28.34 -16.77 -31.15
CA THR A 229 -27.61 -17.71 -30.28
C THR A 229 -28.11 -17.65 -28.83
N GLU A 230 -28.40 -18.79 -28.20
CA GLU A 230 -28.71 -18.79 -26.77
C GLU A 230 -27.35 -18.83 -26.10
N LEU A 231 -27.06 -17.83 -25.30
CA LEU A 231 -25.74 -17.63 -24.70
C LEU A 231 -25.93 -17.44 -23.21
N VAL A 232 -25.50 -18.41 -22.38
CA VAL A 232 -25.69 -18.24 -20.94
C VAL A 232 -24.58 -17.37 -20.35
N GLU A 233 -24.89 -16.76 -19.23
CA GLU A 233 -23.90 -15.96 -18.52
C GLU A 233 -22.75 -16.83 -18.07
N THR A 234 -21.52 -16.29 -18.15
CA THR A 234 -20.36 -16.98 -17.62
C THR A 234 -20.56 -17.25 -16.14
N ARG A 235 -20.30 -18.49 -15.71
CA ARG A 235 -20.69 -18.92 -14.38
C ARG A 235 -19.52 -19.59 -13.66
N PRO A 236 -19.44 -19.45 -12.35
CA PRO A 236 -18.32 -20.05 -11.60
C PRO A 236 -18.53 -21.56 -11.40
N ALA A 237 -17.44 -22.31 -11.58
CA ALA A 237 -17.52 -23.74 -11.27
C ALA A 237 -17.46 -24.00 -9.76
N GLY A 238 -16.91 -23.06 -8.98
CA GLY A 238 -16.73 -23.22 -7.55
C GLY A 238 -15.33 -23.60 -7.13
N ASP A 239 -14.48 -23.99 -8.08
CA ASP A 239 -13.11 -24.37 -7.80
C ASP A 239 -12.10 -23.37 -8.33
N GLY A 240 -12.53 -22.14 -8.62
CA GLY A 240 -11.62 -21.14 -9.15
C GLY A 240 -11.64 -21.01 -10.66
N THR A 241 -12.43 -21.82 -11.35
CA THR A 241 -12.54 -21.75 -12.81
C THR A 241 -13.97 -21.36 -13.19
N PHE A 242 -14.16 -21.08 -14.47
CA PHE A 242 -15.44 -20.62 -14.99
C PHE A 242 -15.92 -21.53 -16.12
N GLN A 243 -17.20 -21.40 -16.44
CA GLN A 243 -17.89 -22.21 -17.44
C GLN A 243 -18.78 -21.31 -18.28
N LYS A 244 -19.00 -21.72 -19.53
CA LYS A 244 -19.92 -21.02 -20.41
C LYS A 244 -20.32 -21.96 -21.53
N TRP A 245 -21.54 -21.79 -22.03
CA TRP A 245 -21.92 -22.47 -23.27
C TRP A 245 -22.77 -21.55 -24.13
N ALA A 246 -22.79 -21.87 -25.42
CA ALA A 246 -23.54 -21.16 -26.45
C ALA A 246 -24.24 -22.21 -27.30
N ALA A 247 -25.50 -21.95 -27.65
CA ALA A 247 -26.27 -22.95 -28.39
C ALA A 247 -27.00 -22.31 -29.56
N VAL A 248 -27.20 -23.10 -30.61
CA VAL A 248 -27.96 -22.67 -31.77
C VAL A 248 -28.90 -23.80 -32.15
N VAL A 249 -30.08 -23.44 -32.64
CA VAL A 249 -31.03 -24.42 -33.17
C VAL A 249 -30.81 -24.53 -34.68
N VAL A 250 -30.69 -25.77 -35.15
CA VAL A 250 -30.11 -26.07 -36.46
C VAL A 250 -31.11 -26.93 -37.22
N PRO A 251 -31.46 -26.58 -38.46
CA PRO A 251 -32.29 -27.51 -39.26
C PRO A 251 -31.56 -28.82 -39.51
N SER A 252 -32.31 -29.92 -39.43
CA SER A 252 -31.74 -31.26 -39.62
C SER A 252 -30.92 -31.32 -40.90
N GLY A 253 -29.73 -31.91 -40.79
CA GLY A 253 -28.82 -32.06 -41.92
C GLY A 253 -27.96 -30.86 -42.23
N GLU A 254 -28.14 -29.72 -41.56
CA GLU A 254 -27.37 -28.51 -41.85
C GLU A 254 -26.28 -28.25 -40.82
N GLU A 255 -25.97 -29.23 -39.96
CA GLU A 255 -24.98 -29.08 -38.92
C GLU A 255 -23.63 -28.57 -39.45
N GLN A 256 -23.25 -28.98 -40.66
CA GLN A 256 -21.92 -28.62 -41.12
C GLN A 256 -21.81 -27.17 -41.56
N ARG A 257 -22.92 -26.44 -41.66
CA ARG A 257 -22.84 -25.02 -41.94
C ARG A 257 -22.35 -24.22 -40.74
N TYR A 258 -22.35 -24.81 -39.55
CA TYR A 258 -22.19 -24.08 -38.30
C TYR A 258 -20.83 -24.35 -37.67
N THR A 259 -20.21 -23.28 -37.16
CA THR A 259 -18.93 -23.38 -36.47
C THR A 259 -19.02 -22.56 -35.20
N CYS A 260 -18.38 -23.07 -34.14
CA CYS A 260 -18.28 -22.38 -32.87
C CYS A 260 -16.88 -21.79 -32.72
N HIS A 261 -16.81 -20.58 -32.18
CA HIS A 261 -15.57 -19.82 -32.14
C HIS A 261 -15.31 -19.41 -30.70
N VAL A 262 -14.10 -19.68 -30.22
CA VAL A 262 -13.74 -19.48 -28.83
C VAL A 262 -12.52 -18.58 -28.78
N GLN A 263 -12.62 -17.48 -28.03
CA GLN A 263 -11.51 -16.58 -27.79
C GLN A 263 -11.33 -16.45 -26.29
N HIS A 264 -10.09 -16.63 -25.84
CA HIS A 264 -9.74 -16.54 -24.42
C HIS A 264 -8.24 -16.27 -24.33
N GLU A 265 -7.86 -15.49 -23.32
CA GLU A 265 -6.46 -15.09 -23.23
C GLU A 265 -5.52 -16.29 -23.08
N GLY A 266 -6.00 -17.39 -22.52
CA GLY A 266 -5.17 -18.59 -22.36
C GLY A 266 -4.93 -19.38 -23.64
N LEU A 267 -5.59 -19.03 -24.71
CA LEU A 267 -5.47 -19.76 -25.96
C LEU A 267 -4.33 -19.18 -26.80
N PRO A 268 -3.39 -20.01 -27.28
CA PRO A 268 -2.43 -19.51 -28.28
C PRO A 268 -3.10 -18.95 -29.51
N LYS A 269 -4.14 -19.62 -29.99
CA LYS A 269 -4.90 -19.27 -31.17
C LYS A 269 -6.40 -19.37 -30.87
N PRO A 270 -7.22 -18.48 -31.42
CA PRO A 270 -8.67 -18.68 -31.33
C PRO A 270 -9.05 -20.05 -31.88
N LEU A 271 -10.04 -20.67 -31.26
CA LEU A 271 -10.46 -22.01 -31.65
C LEU A 271 -11.69 -21.93 -32.54
N THR A 272 -11.81 -22.91 -33.44
CA THR A 272 -12.99 -23.10 -34.28
C THR A 272 -13.40 -24.55 -34.18
N LEU A 273 -14.62 -24.80 -33.71
CA LEU A 273 -15.14 -26.14 -33.52
C LEU A 273 -16.25 -26.41 -34.53
N ARG A 274 -16.28 -27.65 -35.04
CA ARG A 274 -17.37 -28.09 -35.90
CA ARG A 274 -17.36 -28.11 -35.90
C ARG A 274 -17.96 -29.37 -35.30
N TRP A 275 -19.20 -29.69 -35.65
CA TRP A 275 -19.84 -30.91 -35.16
C TRP A 275 -19.21 -32.06 -35.92
N GLU A 276 -18.52 -32.95 -35.24
CA GLU A 276 -17.83 -34.03 -35.91
C GLU A 276 -18.04 -35.36 -35.25
N PRO A 277 -19.26 -35.87 -35.32
CA PRO A 277 -19.72 -37.12 -34.70
C PRO A 277 -18.75 -38.28 -34.86
N ALA B 1 -37.07 2.99 -7.78
CA ALA B 1 -36.10 1.92 -7.61
C ALA B 1 -36.19 0.89 -8.71
N ILE B 2 -35.10 0.69 -9.45
CA ILE B 2 -35.05 -0.34 -10.48
C ILE B 2 -35.15 -1.71 -9.81
N GLN B 3 -36.04 -2.55 -10.30
CA GLN B 3 -36.12 -3.94 -9.89
C GLN B 3 -35.77 -4.83 -11.07
N ARG B 4 -34.98 -5.87 -10.82
CA ARG B 4 -34.54 -6.77 -11.86
C ARG B 4 -34.74 -8.20 -11.40
N THR B 5 -35.26 -9.03 -12.28
CA THR B 5 -35.60 -10.37 -11.85
C THR B 5 -34.39 -11.31 -11.98
N PRO B 6 -34.26 -12.29 -11.10
CA PRO B 6 -33.05 -13.12 -11.11
C PRO B 6 -32.98 -14.08 -12.29
N LYS B 7 -31.79 -14.18 -12.87
CA LYS B 7 -31.43 -15.28 -13.75
C LYS B 7 -30.91 -16.42 -12.89
N ILE B 8 -31.20 -17.65 -13.30
CA ILE B 8 -30.90 -18.83 -12.49
C ILE B 8 -30.28 -19.90 -13.37
N GLN B 9 -29.11 -20.40 -12.98
CA GLN B 9 -28.53 -21.57 -13.62
C GLN B 9 -28.25 -22.63 -12.58
N VAL B 10 -28.60 -23.89 -12.88
CA VAL B 10 -28.33 -25.02 -12.01
C VAL B 10 -27.47 -26.01 -12.77
N TYR B 11 -26.35 -26.40 -12.16
CA TYR B 11 -25.36 -27.15 -12.92
C TYR B 11 -24.39 -27.79 -11.95
N SER B 12 -23.67 -28.80 -12.44
CA SER B 12 -22.66 -29.45 -11.63
C SER B 12 -21.29 -28.85 -11.93
N ARG B 13 -20.40 -28.91 -10.94
CA ARG B 13 -19.04 -28.44 -11.15
C ARG B 13 -18.33 -29.26 -12.21
N HIS B 14 -18.47 -30.58 -12.15
CA HIS B 14 -17.87 -31.53 -13.07
C HIS B 14 -18.95 -32.25 -13.86
N PRO B 15 -18.64 -32.76 -15.04
CA PRO B 15 -19.62 -33.55 -15.78
C PRO B 15 -20.14 -34.68 -14.91
N ALA B 16 -21.46 -34.83 -14.86
CA ALA B 16 -22.06 -35.75 -13.93
C ALA B 16 -21.79 -37.19 -14.35
N GLU B 17 -21.31 -37.99 -13.41
CA GLU B 17 -21.18 -39.44 -13.58
C GLU B 17 -21.91 -40.10 -12.42
N ASN B 18 -22.95 -40.88 -12.74
CA ASN B 18 -23.75 -41.54 -11.72
C ASN B 18 -22.87 -42.37 -10.79
N GLY B 19 -22.87 -42.02 -9.50
CA GLY B 19 -22.06 -42.69 -8.50
C GLY B 19 -20.88 -41.90 -7.98
N LYS B 20 -20.42 -40.88 -8.71
CA LYS B 20 -19.23 -40.12 -8.35
C LYS B 20 -19.61 -38.81 -7.68
N SER B 21 -18.96 -38.50 -6.57
CA SER B 21 -19.27 -37.27 -5.85
C SER B 21 -18.85 -36.05 -6.67
N ASN B 22 -19.60 -34.98 -6.48
CA ASN B 22 -19.54 -33.82 -7.35
C ASN B 22 -19.95 -32.61 -6.50
N PHE B 23 -20.20 -31.48 -7.16
CA PHE B 23 -20.77 -30.32 -6.51
C PHE B 23 -21.94 -29.82 -7.34
N LEU B 24 -23.05 -29.54 -6.68
CA LEU B 24 -24.24 -29.01 -7.33
C LEU B 24 -24.27 -27.50 -7.06
N ASN B 25 -24.36 -26.72 -8.14
CA ASN B 25 -24.29 -25.26 -8.08
C ASN B 25 -25.61 -24.66 -8.49
N CYS B 26 -26.00 -23.57 -7.83
CA CYS B 26 -27.10 -22.76 -8.33
C CYS B 26 -26.60 -21.33 -8.34
N TYR B 27 -26.41 -20.79 -9.55
CA TYR B 27 -25.89 -19.45 -9.74
C TYR B 27 -27.06 -18.52 -10.04
N VAL B 28 -27.26 -17.53 -9.17
CA VAL B 28 -28.35 -16.56 -9.31
CA VAL B 28 -28.35 -16.56 -9.28
C VAL B 28 -27.73 -15.19 -9.54
N SER B 29 -28.15 -14.53 -10.60
CA SER B 29 -27.50 -13.27 -10.99
C SER B 29 -28.54 -12.34 -11.58
N GLY B 30 -28.12 -11.09 -11.78
CA GLY B 30 -28.93 -10.10 -12.45
C GLY B 30 -30.09 -9.55 -11.67
N PHE B 31 -30.15 -9.76 -10.36
CA PHE B 31 -31.33 -9.34 -9.61
C PHE B 31 -31.07 -8.05 -8.81
N HIS B 32 -32.16 -7.37 -8.52
CA HIS B 32 -32.17 -6.16 -7.70
C HIS B 32 -33.60 -5.99 -7.21
N PRO B 33 -33.83 -5.74 -5.91
CA PRO B 33 -32.85 -5.55 -4.82
C PRO B 33 -32.23 -6.87 -4.34
N SER B 34 -31.41 -6.79 -3.28
CA SER B 34 -30.54 -7.92 -2.94
C SER B 34 -31.19 -9.00 -2.11
N ASP B 35 -32.31 -8.73 -1.43
CA ASP B 35 -32.94 -9.79 -0.64
C ASP B 35 -33.40 -10.90 -1.57
N ILE B 36 -33.05 -12.14 -1.24
CA ILE B 36 -33.41 -13.28 -2.08
C ILE B 36 -33.35 -14.52 -1.19
N GLU B 37 -34.19 -15.50 -1.51
CA GLU B 37 -34.11 -16.80 -0.85
C GLU B 37 -33.82 -17.86 -1.89
N VAL B 38 -32.85 -18.73 -1.60
CA VAL B 38 -32.42 -19.77 -2.53
C VAL B 38 -32.31 -21.09 -1.77
N ASP B 39 -32.96 -22.13 -2.29
CA ASP B 39 -32.90 -23.47 -1.76
C ASP B 39 -32.47 -24.43 -2.87
N LEU B 40 -31.56 -25.34 -2.53
CA LEU B 40 -31.31 -26.49 -3.38
C LEU B 40 -32.20 -27.64 -2.91
N LEU B 41 -32.76 -28.38 -3.86
CA LEU B 41 -33.73 -29.44 -3.56
C LEU B 41 -33.23 -30.77 -4.09
N LYS B 42 -33.40 -31.82 -3.29
CA LYS B 42 -33.18 -33.20 -3.70
C LYS B 42 -34.51 -33.92 -3.61
N ASN B 43 -35.10 -34.25 -4.77
CA ASN B 43 -36.42 -34.86 -4.83
C ASN B 43 -37.43 -34.04 -4.03
N GLY B 44 -37.50 -32.75 -4.36
CA GLY B 44 -38.46 -31.85 -3.75
C GLY B 44 -38.12 -31.36 -2.35
N GLU B 45 -37.11 -31.93 -1.70
CA GLU B 45 -36.81 -31.64 -0.31
C GLU B 45 -35.55 -30.78 -0.17
N ARG B 46 -35.63 -29.78 0.72
CA ARG B 46 -34.52 -28.86 0.91
C ARG B 46 -33.27 -29.58 1.38
N ILE B 47 -32.16 -29.33 0.69
CA ILE B 47 -30.87 -29.87 1.09
C ILE B 47 -30.30 -29.01 2.22
N GLU B 48 -29.60 -29.64 3.15
CA GLU B 48 -29.32 -28.96 4.40
C GLU B 48 -27.98 -28.20 4.42
N LYS B 49 -26.90 -28.81 3.94
CA LYS B 49 -25.58 -28.21 4.13
C LYS B 49 -25.16 -27.39 2.91
N VAL B 50 -25.94 -26.33 2.64
CA VAL B 50 -25.76 -25.52 1.44
C VAL B 50 -25.04 -24.22 1.82
N GLU B 51 -23.92 -23.96 1.16
CA GLU B 51 -23.13 -22.75 1.38
C GLU B 51 -23.33 -21.78 0.21
N HIS B 52 -22.92 -20.53 0.40
CA HIS B 52 -23.04 -19.56 -0.69
C HIS B 52 -21.94 -18.52 -0.58
N SER B 53 -21.68 -17.85 -1.70
CA SER B 53 -20.61 -16.87 -1.79
C SER B 53 -21.08 -15.53 -1.24
N ASP B 54 -20.12 -14.64 -1.01
CA ASP B 54 -20.44 -13.32 -0.49
C ASP B 54 -21.11 -12.49 -1.57
N LEU B 55 -22.16 -11.76 -1.17
CA LEU B 55 -22.91 -10.89 -2.08
C LEU B 55 -22.00 -9.93 -2.85
N SER B 56 -22.10 -9.97 -4.17
CA SER B 56 -21.31 -9.13 -5.05
C SER B 56 -22.25 -8.59 -6.10
N PHE B 57 -21.74 -7.70 -6.95
CA PHE B 57 -22.60 -7.18 -8.02
C PHE B 57 -21.78 -6.85 -9.26
N SER B 58 -22.49 -6.76 -10.39
CA SER B 58 -21.93 -6.59 -11.73
C SER B 58 -21.87 -5.12 -12.10
N LYS B 59 -21.37 -4.87 -13.32
CA LYS B 59 -21.20 -3.51 -13.81
C LYS B 59 -22.52 -2.73 -13.84
N ASP B 60 -23.64 -3.39 -14.10
CA ASP B 60 -24.94 -2.74 -14.13
C ASP B 60 -25.59 -2.65 -12.75
N TRP B 61 -24.84 -2.96 -11.70
CA TRP B 61 -25.21 -2.88 -10.29
C TRP B 61 -26.10 -4.04 -9.84
N SER B 62 -26.44 -5.00 -10.70
CA SER B 62 -27.27 -6.12 -10.28
C SER B 62 -26.42 -7.15 -9.52
N PHE B 63 -27.05 -7.85 -8.58
CA PHE B 63 -26.35 -8.75 -7.67
C PHE B 63 -26.19 -10.16 -8.26
N TYR B 64 -25.20 -10.88 -7.75
CA TYR B 64 -25.06 -12.30 -8.07
C TYR B 64 -24.53 -13.05 -6.85
N LEU B 65 -24.90 -14.34 -6.79
CA LEU B 65 -24.61 -15.23 -5.68
C LEU B 65 -24.45 -16.63 -6.22
N LEU B 66 -23.53 -17.39 -5.65
CA LEU B 66 -23.41 -18.81 -5.95
C LEU B 66 -23.76 -19.62 -4.70
N TYR B 67 -24.74 -20.51 -4.82
CA TYR B 67 -25.06 -21.50 -3.80
C TYR B 67 -24.59 -22.87 -4.26
N TYR B 68 -24.05 -23.66 -3.34
CA TYR B 68 -23.46 -24.93 -3.75
C TYR B 68 -23.48 -25.91 -2.59
N THR B 69 -23.43 -27.19 -2.96
CA THR B 69 -23.34 -28.28 -2.00
C THR B 69 -22.68 -29.46 -2.69
N GLU B 70 -21.94 -30.24 -1.92
CA GLU B 70 -21.49 -31.52 -2.42
C GLU B 70 -22.69 -32.43 -2.63
N PHE B 71 -22.58 -33.31 -3.62
CA PHE B 71 -23.64 -34.28 -3.88
C PHE B 71 -23.09 -35.40 -4.76
N THR B 72 -23.81 -36.51 -4.77
CA THR B 72 -23.49 -37.65 -5.63
C THR B 72 -24.70 -37.91 -6.52
N PRO B 73 -24.64 -37.55 -7.79
CA PRO B 73 -25.81 -37.76 -8.65
C PRO B 73 -26.03 -39.24 -8.91
N THR B 74 -27.29 -39.60 -9.09
CA THR B 74 -27.69 -40.95 -9.48
C THR B 74 -28.58 -40.85 -10.70
N GLU B 75 -29.00 -42.00 -11.21
CA GLU B 75 -29.82 -42.01 -12.42
C GLU B 75 -31.20 -41.44 -12.18
N LYS B 76 -31.77 -41.66 -10.99
CA LYS B 76 -33.17 -41.30 -10.76
C LYS B 76 -33.39 -40.06 -9.90
N ASP B 77 -32.47 -39.72 -9.00
CA ASP B 77 -32.65 -38.57 -8.12
C ASP B 77 -32.76 -37.28 -8.92
N GLU B 78 -33.80 -36.51 -8.65
CA GLU B 78 -33.97 -35.19 -9.25
C GLU B 78 -33.38 -34.12 -8.33
N TYR B 79 -32.80 -33.09 -8.94
CA TYR B 79 -32.26 -31.96 -8.20
C TYR B 79 -32.79 -30.68 -8.82
N ALA B 80 -32.96 -29.65 -7.99
CA ALA B 80 -33.53 -28.40 -8.46
C ALA B 80 -33.03 -27.25 -7.58
N CYS B 81 -33.25 -26.03 -8.07
CA CYS B 81 -32.98 -24.82 -7.32
C CYS B 81 -34.28 -24.03 -7.23
N ARG B 82 -34.66 -23.65 -6.01
CA ARG B 82 -35.86 -22.87 -5.76
C ARG B 82 -35.47 -21.46 -5.33
N VAL B 83 -35.99 -20.45 -6.02
CA VAL B 83 -35.61 -19.06 -5.79
C VAL B 83 -36.85 -18.23 -5.56
N ASN B 84 -36.82 -17.41 -4.51
CA ASN B 84 -37.85 -16.42 -4.29
C ASN B 84 -37.24 -15.03 -4.20
N HIS B 85 -37.94 -14.06 -4.79
CA HIS B 85 -37.46 -12.69 -4.92
C HIS B 85 -38.69 -11.83 -5.09
N VAL B 86 -38.55 -10.54 -4.75
CA VAL B 86 -39.70 -9.64 -4.76
C VAL B 86 -40.30 -9.53 -6.16
N THR B 87 -39.49 -9.74 -7.19
CA THR B 87 -39.97 -9.63 -8.57
C THR B 87 -40.80 -10.82 -9.02
N LEU B 88 -40.91 -11.86 -8.21
CA LEU B 88 -41.58 -13.09 -8.59
C LEU B 88 -42.91 -13.24 -7.88
N SER B 89 -43.97 -13.50 -8.65
CA SER B 89 -45.28 -13.78 -8.07
C SER B 89 -45.25 -15.04 -7.21
N GLN B 90 -44.40 -16.00 -7.56
CA GLN B 90 -44.30 -17.28 -6.89
C GLN B 90 -42.85 -17.73 -6.94
N PRO B 91 -42.40 -18.56 -6.01
CA PRO B 91 -41.04 -19.10 -6.10
C PRO B 91 -40.82 -19.84 -7.41
N LYS B 92 -39.71 -19.52 -8.08
CA LYS B 92 -39.33 -20.18 -9.32
C LYS B 92 -38.48 -21.41 -9.03
N ILE B 93 -38.86 -22.55 -9.60
CA ILE B 93 -38.10 -23.79 -9.44
C ILE B 93 -37.45 -24.12 -10.78
N VAL B 94 -36.14 -24.35 -10.75
CA VAL B 94 -35.38 -24.69 -11.95
C VAL B 94 -34.74 -26.05 -11.72
N LYS B 95 -35.10 -27.01 -12.58
CA LYS B 95 -34.56 -28.36 -12.45
C LYS B 95 -33.16 -28.46 -13.03
N TRP B 96 -32.30 -29.23 -12.36
CA TRP B 96 -30.98 -29.54 -12.89
C TRP B 96 -31.08 -30.47 -14.09
N ASP B 97 -30.51 -30.04 -15.22
CA ASP B 97 -30.38 -30.83 -16.44
C ASP B 97 -28.89 -31.05 -16.67
N ARG B 98 -28.43 -32.29 -16.54
CA ARG B 98 -26.99 -32.53 -16.55
C ARG B 98 -26.32 -32.15 -17.87
N ASP B 99 -27.09 -31.81 -18.91
CA ASP B 99 -26.56 -31.37 -20.20
C ASP B 99 -26.62 -29.85 -20.37
N MET B 100 -26.82 -29.09 -19.29
CA MET B 100 -26.91 -27.63 -19.39
C MET B 100 -26.15 -26.91 -18.28
N GLY C 2 -16.04 7.87 2.34
CA GLY C 2 -15.53 8.94 3.16
C GLY C 2 -16.32 10.25 3.06
N ALA C 3 -16.79 10.57 1.85
CA ALA C 3 -17.52 11.81 1.61
C ALA C 3 -19.01 11.61 1.79
N ASN C 4 -19.68 12.59 2.41
CA ASN C 4 -21.12 12.53 2.51
C ASN C 4 -21.77 13.08 1.25
N PHE C 5 -22.99 12.61 0.99
CA PHE C 5 -23.81 13.11 -0.10
C PHE C 5 -24.28 14.53 0.19
N ALA D 1 15.98 -6.10 16.78
CA ALA D 1 14.90 -5.35 16.15
C ALA D 1 14.71 -5.81 14.73
N GLY D 2 13.51 -5.60 14.19
CA GLY D 2 13.20 -6.03 12.83
C GLY D 2 13.83 -5.16 11.76
N SER D 3 14.30 -3.97 12.12
CA SER D 3 14.94 -3.08 11.16
C SER D 3 16.18 -2.49 11.81
N HIS D 4 17.24 -2.32 11.02
CA HIS D 4 18.48 -1.71 11.47
C HIS D 4 18.98 -0.73 10.42
N SER D 5 19.81 0.21 10.86
CA SER D 5 20.20 1.33 10.02
C SER D 5 21.70 1.60 10.10
N MET D 6 22.24 2.08 8.98
CA MET D 6 23.54 2.71 8.90
C MET D 6 23.35 4.14 8.43
N ARG D 7 24.05 5.08 9.07
CA ARG D 7 23.94 6.49 8.70
C ARG D 7 25.32 7.11 8.71
N TYR D 8 25.65 7.86 7.67
CA TYR D 8 26.83 8.71 7.66
C TYR D 8 26.37 10.17 7.70
N PHE D 9 27.07 10.97 8.49
CA PHE D 9 26.72 12.37 8.69
C PHE D 9 27.96 13.22 8.48
N SER D 10 27.78 14.43 7.96
CA SER D 10 28.92 15.33 7.88
C SER D 10 28.46 16.76 8.07
N THR D 11 29.38 17.57 8.58
CA THR D 11 29.15 19.00 8.82
C THR D 11 30.39 19.72 8.36
N SER D 12 30.22 20.74 7.50
CA SER D 12 31.29 21.66 7.17
C SER D 12 30.87 23.06 7.63
N VAL D 13 31.74 23.76 8.35
CA VAL D 13 31.46 25.12 8.81
C VAL D 13 32.57 26.03 8.31
N SER D 14 32.22 27.00 7.48
CA SER D 14 33.24 27.90 6.96
C SER D 14 33.73 28.83 8.05
N ARG D 15 34.99 29.26 7.91
CA ARG D 15 35.68 30.06 8.93
C ARG D 15 36.44 31.18 8.24
N PRO D 16 35.73 32.13 7.62
CA PRO D 16 36.42 33.14 6.81
C PRO D 16 37.46 33.90 7.62
N GLY D 17 38.65 34.05 7.05
CA GLY D 17 39.78 34.62 7.74
C GLY D 17 40.58 33.67 8.61
N ARG D 18 40.10 32.44 8.85
CA ARG D 18 40.78 31.51 9.74
C ARG D 18 40.96 30.14 9.09
N GLY D 19 41.28 30.12 7.80
CA GLY D 19 41.60 28.87 7.15
C GLY D 19 40.40 28.19 6.50
N GLU D 20 40.61 26.93 6.17
CA GLU D 20 39.61 26.16 5.47
C GLU D 20 38.48 25.77 6.42
N PRO D 21 37.31 25.39 5.90
CA PRO D 21 36.19 25.06 6.79
C PRO D 21 36.53 23.91 7.71
N ARG D 22 35.96 23.95 8.91
CA ARG D 22 36.02 22.80 9.80
C ARG D 22 35.11 21.71 9.23
N PHE D 23 35.61 20.48 9.17
CA PHE D 23 34.86 19.37 8.60
C PHE D 23 34.88 18.20 9.59
N ILE D 24 33.69 17.74 9.98
CA ILE D 24 33.53 16.59 10.88
C ILE D 24 32.56 15.62 10.23
N ALA D 25 32.96 14.35 10.16
CA ALA D 25 32.10 13.30 9.60
C ALA D 25 32.07 12.12 10.55
N VAL D 26 30.92 11.46 10.65
CA VAL D 26 30.75 10.33 11.56
C VAL D 26 29.87 9.28 10.90
N GLY D 27 30.15 8.02 11.22
CA GLY D 27 29.31 6.89 10.81
C GLY D 27 28.68 6.24 12.02
N TYR D 28 27.41 5.85 11.89
CA TYR D 28 26.63 5.19 12.93
C TYR D 28 26.03 3.89 12.40
N VAL D 29 25.89 2.89 13.28
CA VAL D 29 25.13 1.71 13.01
C VAL D 29 24.15 1.81 14.15
N ASP D 30 22.88 1.96 13.82
CA ASP D 30 21.83 2.18 14.79
C ASP D 30 22.23 3.38 15.64
N ASP D 31 22.31 3.25 16.94
CA ASP D 31 22.72 4.39 17.76
C ASP D 31 24.17 4.34 18.19
N THR D 32 25.00 3.58 17.52
CA THR D 32 26.40 3.39 17.93
C THR D 32 27.33 4.01 16.90
N GLN D 33 28.12 5.00 17.34
CA GLN D 33 29.12 5.58 16.45
C GLN D 33 30.28 4.62 16.24
N PHE D 34 30.75 4.48 15.00
CA PHE D 34 31.80 3.52 14.73
C PHE D 34 32.98 4.06 13.94
N VAL D 35 32.85 5.20 13.25
CA VAL D 35 33.98 5.84 12.58
C VAL D 35 33.80 7.36 12.70
N ARG D 36 34.92 8.07 12.72
CA ARG D 36 34.86 9.52 12.80
C ARG D 36 36.01 10.11 11.99
N PHE D 37 35.79 11.31 11.44
CA PHE D 37 36.85 12.08 10.82
C PHE D 37 36.69 13.54 11.23
N ASP D 38 37.79 14.18 11.65
CA ASP D 38 37.77 15.59 12.03
C ASP D 38 38.95 16.28 11.38
N SER D 39 38.67 17.28 10.54
CA SER D 39 39.73 17.99 9.83
C SER D 39 40.71 18.69 10.78
N ASP D 40 40.31 19.01 12.01
CA ASP D 40 41.25 19.63 12.95
C ASP D 40 42.22 18.64 13.56
N ALA D 41 41.97 17.34 13.45
CA ALA D 41 42.83 16.36 14.12
C ALA D 41 44.13 16.13 13.38
N ALA D 42 45.16 15.73 14.14
CA ALA D 42 46.50 15.57 13.55
C ALA D 42 46.55 14.43 12.55
N SER D 43 45.83 13.34 12.81
CA SER D 43 46.02 12.13 12.01
C SER D 43 45.63 12.32 10.55
N GLN D 44 44.61 13.13 10.28
CA GLN D 44 44.03 13.22 8.94
C GLN D 44 43.62 11.85 8.42
N ARG D 45 43.12 11.01 9.32
CA ARG D 45 42.68 9.67 8.99
C ARG D 45 41.27 9.46 9.51
N MET D 46 40.50 8.63 8.81
CA MET D 46 39.28 8.14 9.43
C MET D 46 39.65 7.25 10.60
N GLU D 47 38.97 7.43 11.72
CA GLU D 47 39.40 6.68 12.89
C GLU D 47 38.29 5.82 13.46
N PRO D 48 38.63 4.65 14.01
CA PRO D 48 37.60 3.78 14.59
C PRO D 48 37.07 4.35 15.89
N ARG D 49 35.79 4.11 16.12
CA ARG D 49 35.12 4.55 17.33
C ARG D 49 34.36 3.44 18.02
N ALA D 50 34.28 2.25 17.42
CA ALA D 50 33.74 1.05 18.03
C ALA D 50 34.73 -0.09 17.84
N PRO D 51 34.82 -1.01 18.80
CA PRO D 51 35.82 -2.07 18.69
C PRO D 51 35.68 -2.94 17.46
N TRP D 52 34.45 -3.27 17.06
CA TRP D 52 34.26 -4.23 15.99
C TRP D 52 34.66 -3.71 14.61
N ILE D 53 34.80 -2.39 14.42
CA ILE D 53 35.22 -1.92 13.11
C ILE D 53 36.72 -2.14 12.89
N GLU D 54 37.48 -2.35 13.94
CA GLU D 54 38.91 -2.59 13.74
C GLU D 54 39.21 -3.99 13.11
N GLN D 55 38.20 -4.75 12.70
CA GLN D 55 38.40 -5.99 11.96
C GLN D 55 38.57 -5.77 10.46
N GLU D 56 38.38 -4.54 9.98
N GLU D 56 38.45 -4.54 9.97
CA GLU D 56 38.58 -4.25 8.57
CA GLU D 56 38.17 -4.34 8.54
C GLU D 56 40.06 -4.18 8.23
C GLU D 56 39.39 -4.57 7.63
N GLY D 57 40.40 -4.65 7.05
N GLY D 57 40.61 -4.30 8.09
CA GLY D 57 41.78 -4.62 6.60
CA GLY D 57 41.79 -4.45 7.26
C GLY D 57 42.28 -3.21 6.41
C GLY D 57 42.31 -3.12 6.75
N PRO D 58 43.59 -3.05 6.38
CA PRO D 58 44.19 -1.73 6.09
C PRO D 58 43.68 -1.08 4.81
N GLU D 59 43.21 -1.87 3.84
CA GLU D 59 42.69 -1.27 2.62
C GLU D 59 41.42 -0.48 2.90
N TYR D 60 40.59 -0.97 3.84
CA TYR D 60 39.40 -0.23 4.25
C TYR D 60 39.76 1.15 4.79
N TRP D 61 40.73 1.20 5.69
CA TRP D 61 41.08 2.47 6.31
C TRP D 61 41.69 3.43 5.29
N ASP D 62 42.52 2.92 4.37
CA ASP D 62 43.09 3.77 3.33
C ASP D 62 42.01 4.29 2.39
N GLU D 63 41.15 3.39 1.91
CA GLU D 63 40.15 3.79 0.92
C GLU D 63 39.11 4.73 1.53
N GLU D 64 38.65 4.44 2.74
CA GLU D 64 37.63 5.29 3.35
C GLU D 64 38.20 6.66 3.68
N THR D 65 39.46 6.70 4.13
CA THR D 65 40.11 7.98 4.37
C THR D 65 40.18 8.82 3.11
N GLY D 66 40.59 8.21 1.99
CA GLY D 66 40.60 8.94 0.72
C GLY D 66 39.24 9.50 0.35
N LYS D 67 38.18 8.74 0.61
CA LYS D 67 36.84 9.19 0.21
C LYS D 67 36.35 10.31 1.12
N VAL D 68 36.60 10.20 2.42
CA VAL D 68 36.14 11.25 3.34
C VAL D 68 36.87 12.56 3.05
N LYS D 69 38.16 12.47 2.71
CA LYS D 69 38.92 13.68 2.35
C LYS D 69 38.38 14.31 1.07
N ALA D 70 38.09 13.48 0.06
CA ALA D 70 37.53 14.02 -1.17
C ALA D 70 36.16 14.64 -0.93
N HIS D 71 35.36 14.07 -0.02
CA HIS D 71 34.09 14.71 0.32
C HIS D 71 34.31 16.05 1.00
N SER D 72 35.30 16.16 1.91
CA SER D 72 35.56 17.46 2.53
C SER D 72 35.87 18.52 1.46
N GLN D 73 36.59 18.13 0.41
CA GLN D 73 36.90 19.10 -0.65
CA GLN D 73 36.90 19.08 -0.67
C GLN D 73 35.66 19.46 -1.46
N THR D 74 34.77 18.49 -1.71
CA THR D 74 33.51 18.81 -2.38
C THR D 74 32.68 19.78 -1.55
N ASP D 75 32.62 19.56 -0.23
CA ASP D 75 31.93 20.48 0.67
C ASP D 75 32.50 21.89 0.59
N ARG D 76 33.84 22.01 0.51
CA ARG D 76 34.45 23.33 0.37
C ARG D 76 33.97 24.01 -0.90
N GLU D 77 33.94 23.26 -2.00
CA GLU D 77 33.42 23.76 -3.26
C GLU D 77 31.95 24.15 -3.14
N ASN D 78 31.16 23.33 -2.45
CA ASN D 78 29.73 23.60 -2.38
C ASN D 78 29.40 24.78 -1.48
N LEU D 79 30.21 25.02 -0.44
CA LEU D 79 30.00 26.23 0.35
C LEU D 79 30.23 27.47 -0.50
N ARG D 80 31.24 27.43 -1.39
CA ARG D 80 31.50 28.57 -2.27
C ARG D 80 30.37 28.76 -3.28
N ILE D 81 29.87 27.66 -3.84
CA ILE D 81 28.75 27.74 -4.77
C ILE D 81 27.51 28.31 -4.08
N ALA D 82 27.24 27.88 -2.85
CA ALA D 82 26.04 28.36 -2.17
C ALA D 82 26.10 29.87 -1.94
N LEU D 83 27.29 30.41 -1.67
CA LEU D 83 27.41 31.87 -1.53
C LEU D 83 26.92 32.57 -2.78
N ARG D 84 27.25 32.03 -3.96
CA ARG D 84 26.80 32.64 -5.21
C ARG D 84 25.29 32.51 -5.37
N TYR D 85 24.76 31.30 -5.16
CA TYR D 85 23.32 31.08 -5.32
C TYR D 85 22.50 32.00 -4.44
N TYR D 86 22.94 32.22 -3.21
CA TYR D 86 22.19 33.01 -2.26
C TYR D 86 22.68 34.45 -2.15
N ASN D 87 23.66 34.84 -2.94
CA ASN D 87 24.21 36.21 -2.93
C ASN D 87 24.63 36.62 -1.52
N GLN D 88 25.48 35.81 -0.92
CA GLN D 88 25.97 36.02 0.43
C GLN D 88 27.43 36.44 0.37
N SER D 89 27.85 37.20 1.38
CA SER D 89 29.20 37.75 1.34
C SER D 89 30.22 36.70 1.78
N GLU D 90 31.48 36.92 1.35
CA GLU D 90 32.58 36.07 1.76
C GLU D 90 32.94 36.23 3.22
N ALA D 91 32.31 37.15 3.95
CA ALA D 91 32.68 37.43 5.33
C ALA D 91 31.95 36.57 6.35
N GLY D 92 30.80 36.00 6.00
CA GLY D 92 30.01 35.27 6.96
C GLY D 92 30.36 33.77 7.01
N SER D 93 30.12 33.17 8.17
N SER D 93 30.02 33.14 8.14
CA SER D 93 30.23 31.73 8.34
CA SER D 93 30.24 31.72 8.38
C SER D 93 28.93 31.06 7.88
C SER D 93 28.96 30.92 8.12
N HIS D 94 29.07 29.85 7.33
CA HIS D 94 27.91 29.07 6.90
C HIS D 94 28.17 27.59 7.12
N THR D 95 27.09 26.82 7.12
CA THR D 95 27.10 25.42 7.55
C THR D 95 26.46 24.57 6.47
N LEU D 96 27.14 23.53 6.05
CA LEU D 96 26.61 22.56 5.09
C LEU D 96 26.63 21.21 5.78
N GLN D 97 25.48 20.54 5.83
CA GLN D 97 25.34 19.24 6.45
C GLN D 97 24.81 18.23 5.45
N MET D 98 25.20 16.97 5.65
CA MET D 98 24.77 15.88 4.79
C MET D 98 24.48 14.66 5.64
N MET D 99 23.49 13.87 5.21
CA MET D 99 23.26 12.57 5.81
C MET D 99 22.98 11.61 4.67
N PHE D 100 23.52 10.40 4.74
CA PHE D 100 23.04 9.35 3.84
C PHE D 100 23.09 8.03 4.59
N GLY D 101 22.38 7.04 4.06
CA GLY D 101 22.46 5.72 4.65
C GLY D 101 21.31 4.85 4.22
N CYS D 102 21.26 3.67 4.83
CA CYS D 102 20.31 2.64 4.41
CA CYS D 102 20.23 2.73 4.43
C CYS D 102 19.70 2.00 5.65
N ASP D 103 18.52 1.41 5.47
CA ASP D 103 17.90 0.52 6.46
C ASP D 103 17.82 -0.87 5.82
N VAL D 104 18.04 -1.91 6.64
CA VAL D 104 17.88 -3.29 6.21
C VAL D 104 16.95 -3.99 7.18
N GLY D 105 16.22 -5.00 6.68
CA GLY D 105 15.38 -5.80 7.52
C GLY D 105 16.16 -6.93 8.16
N SER D 106 15.45 -7.76 8.94
CA SER D 106 16.09 -8.83 9.71
C SER D 106 16.70 -9.89 8.81
N ASP D 107 16.26 -9.99 7.57
CA ASP D 107 16.87 -10.92 6.62
C ASP D 107 18.09 -10.31 5.93
N GLY D 108 18.53 -9.13 6.36
CA GLY D 108 19.67 -8.48 5.77
C GLY D 108 19.43 -7.78 4.45
N ARG D 109 18.18 -7.67 4.00
CA ARG D 109 17.92 -7.10 2.70
C ARG D 109 17.45 -5.65 2.81
N PHE D 110 17.74 -4.91 1.75
CA PHE D 110 17.47 -3.46 1.67
C PHE D 110 16.00 -3.13 1.94
N LEU D 111 15.78 -2.15 2.81
CA LEU D 111 14.45 -1.59 3.02
C LEU D 111 14.31 -0.17 2.49
N ARG D 112 15.29 0.69 2.71
CA ARG D 112 15.13 2.11 2.40
C ARG D 112 16.50 2.80 2.35
N GLY D 113 16.58 3.87 1.56
CA GLY D 113 17.82 4.62 1.45
C GLY D 113 17.55 6.10 1.58
N TYR D 114 18.59 6.85 1.96
CA TYR D 114 18.48 8.28 2.22
C TYR D 114 19.74 8.97 1.74
N HIS D 115 19.58 10.21 1.25
CA HIS D 115 20.73 11.04 0.89
C HIS D 115 20.25 12.49 0.81
N GLN D 116 20.64 13.32 1.78
CA GLN D 116 20.07 14.66 1.80
C GLN D 116 21.04 15.66 2.40
N TYR D 117 20.79 16.94 2.09
CA TYR D 117 21.65 18.04 2.47
C TYR D 117 20.84 19.15 3.11
N ALA D 118 21.49 19.89 4.01
CA ALA D 118 20.94 21.13 4.54
C ALA D 118 22.01 22.21 4.48
N TYR D 119 21.57 23.45 4.30
CA TYR D 119 22.49 24.59 4.25
C TYR D 119 21.96 25.61 5.24
N ASP D 120 22.80 25.99 6.21
CA ASP D 120 22.43 26.96 7.25
C ASP D 120 21.19 26.51 8.03
N GLY D 121 21.12 25.21 8.32
CA GLY D 121 20.06 24.67 9.14
C GLY D 121 18.75 24.40 8.43
N LYS D 122 18.69 24.59 7.12
CA LYS D 122 17.48 24.40 6.33
C LYS D 122 17.69 23.37 5.23
N ASP D 123 16.70 22.50 5.05
CA ASP D 123 16.74 21.49 3.98
C ASP D 123 17.09 22.15 2.65
N TYR D 124 18.02 21.52 1.92
CA TYR D 124 18.43 22.02 0.62
C TYR D 124 17.94 21.09 -0.49
N ILE D 125 18.42 19.86 -0.52
CA ILE D 125 18.00 18.89 -1.53
C ILE D 125 18.08 17.50 -0.92
N ALA D 126 17.14 16.63 -1.34
CA ALA D 126 17.07 15.29 -0.77
C ALA D 126 16.64 14.30 -1.85
N LEU D 127 17.25 13.12 -1.82
CA LEU D 127 16.83 12.04 -2.68
C LEU D 127 15.47 11.52 -2.22
N LYS D 128 14.55 11.31 -3.17
CA LYS D 128 13.25 10.76 -2.80
C LYS D 128 13.37 9.25 -2.57
N GLU D 129 12.31 8.66 -2.01
CA GLU D 129 12.40 7.25 -1.59
C GLU D 129 12.63 6.31 -2.77
N ASP D 130 12.19 6.67 -3.97
CA ASP D 130 12.47 5.79 -5.11
C ASP D 130 13.91 5.88 -5.58
N LEU D 131 14.73 6.71 -4.95
CA LEU D 131 16.16 6.84 -5.24
C LEU D 131 16.42 7.14 -6.71
N ARG D 132 15.47 7.82 -7.34
CA ARG D 132 15.56 8.16 -8.73
C ARG D 132 15.28 9.63 -9.00
N SER D 133 14.81 10.38 -8.00
CA SER D 133 14.40 11.77 -8.16
C SER D 133 14.68 12.53 -6.88
N TRP D 134 14.59 13.85 -6.97
CA TRP D 134 15.04 14.75 -5.91
C TRP D 134 13.93 15.69 -5.49
N THR D 135 13.90 16.01 -4.20
CA THR D 135 13.09 17.10 -3.67
C THR D 135 14.02 18.28 -3.38
N ALA D 136 13.71 19.45 -3.95
CA ALA D 136 14.55 20.62 -3.80
C ALA D 136 13.75 21.73 -3.15
N ALA D 137 14.31 22.34 -2.10
CA ALA D 137 13.53 23.11 -1.15
C ALA D 137 13.28 24.55 -1.59
N ASP D 138 14.15 25.13 -2.43
CA ASP D 138 14.07 26.55 -2.73
C ASP D 138 14.62 26.80 -4.14
N MET D 139 14.76 28.08 -4.51
CA MET D 139 15.16 28.41 -5.87
C MET D 139 16.56 27.91 -6.20
N ALA D 140 17.51 28.11 -5.28
CA ALA D 140 18.87 27.68 -5.52
C ALA D 140 18.95 26.18 -5.75
N ALA D 141 18.21 25.42 -4.95
CA ALA D 141 18.29 23.97 -5.06
C ALA D 141 17.69 23.46 -6.36
N GLN D 142 16.80 24.23 -7.02
CA GLN D 142 16.31 23.79 -8.32
C GLN D 142 17.43 23.78 -9.34
N ILE D 143 18.40 24.68 -9.19
CA ILE D 143 19.56 24.69 -10.07
C ILE D 143 20.39 23.44 -9.85
N THR D 144 20.62 23.08 -8.59
CA THR D 144 21.33 21.84 -8.30
C THR D 144 20.59 20.62 -8.81
N LYS D 145 19.27 20.58 -8.62
CA LYS D 145 18.48 19.42 -9.06
C LYS D 145 18.53 19.25 -10.57
N ARG D 146 18.41 20.34 -11.33
CA ARG D 146 18.56 20.22 -12.78
C ARG D 146 19.94 19.70 -13.15
N LYS D 147 20.98 20.17 -12.46
CA LYS D 147 22.33 19.70 -12.72
C LYS D 147 22.49 18.22 -12.37
N TRP D 148 21.91 17.79 -11.26
CA TRP D 148 22.08 16.41 -10.82
C TRP D 148 21.24 15.44 -11.65
N GLU D 149 20.11 15.89 -12.19
CA GLU D 149 19.35 15.11 -13.16
C GLU D 149 20.16 14.88 -14.43
N ALA D 150 20.74 15.95 -14.98
CA ALA D 150 21.50 15.79 -16.22
C ALA D 150 22.71 14.90 -16.03
N ALA D 151 23.31 14.91 -14.84
CA ALA D 151 24.54 14.16 -14.59
C ALA D 151 24.30 12.76 -14.04
N HIS D 152 23.05 12.34 -13.89
CA HIS D 152 22.69 10.98 -13.45
C HIS D 152 23.21 10.70 -12.03
N VAL D 153 23.12 11.69 -11.16
CA VAL D 153 23.64 11.55 -9.80
C VAL D 153 22.82 10.56 -8.98
N ALA D 154 21.50 10.51 -9.20
CA ALA D 154 20.67 9.60 -8.43
C ALA D 154 21.03 8.14 -8.72
N GLU D 155 21.42 7.82 -9.96
N GLU D 155 21.39 7.82 -9.97
CA GLU D 155 21.79 6.45 -10.29
CA GLU D 155 21.80 6.46 -10.30
C GLU D 155 23.05 6.02 -9.55
C GLU D 155 23.01 6.04 -9.49
N GLN D 156 24.01 6.94 -9.39
CA GLN D 156 25.20 6.63 -8.62
C GLN D 156 24.86 6.39 -7.15
N GLN D 157 24.00 7.25 -6.58
CA GLN D 157 23.63 7.11 -5.17
C GLN D 157 22.83 5.84 -4.95
N ARG D 158 21.86 5.57 -5.83
CA ARG D 158 21.03 4.39 -5.68
C ARG D 158 21.86 3.12 -5.68
N ALA D 159 22.87 3.06 -6.55
CA ALA D 159 23.71 1.87 -6.64
C ALA D 159 24.46 1.63 -5.34
N TYR D 160 24.97 2.70 -4.72
CA TYR D 160 25.67 2.55 -3.46
C TYR D 160 24.71 2.16 -2.34
N LEU D 161 23.56 2.84 -2.27
CA LEU D 161 22.65 2.64 -1.13
C LEU D 161 22.06 1.24 -1.13
N GLU D 162 21.80 0.67 -2.30
CA GLU D 162 21.25 -0.68 -2.41
C GLU D 162 22.31 -1.76 -2.45
N GLY D 163 23.58 -1.40 -2.60
CA GLY D 163 24.64 -2.38 -2.71
C GLY D 163 25.62 -2.31 -1.55
N THR D 164 26.73 -1.62 -1.78
CA THR D 164 27.77 -1.40 -0.78
C THR D 164 27.23 -1.07 0.62
N CYS D 165 26.29 -0.12 0.70
CA CYS D 165 25.74 0.28 2.00
CA CYS D 165 25.76 0.27 2.01
C CYS D 165 25.11 -0.91 2.71
N VAL D 166 24.32 -1.70 1.98
CA VAL D 166 23.67 -2.87 2.56
C VAL D 166 24.72 -3.89 3.00
N ASP D 167 25.69 -4.16 2.12
CA ASP D 167 26.73 -5.14 2.44
C ASP D 167 27.49 -4.74 3.69
N GLY D 168 27.81 -3.45 3.82
CA GLY D 168 28.57 -3.01 4.96
C GLY D 168 27.78 -3.15 6.25
N LEU D 169 26.52 -2.73 6.22
CA LEU D 169 25.67 -2.81 7.41
C LEU D 169 25.51 -4.25 7.87
N ARG D 170 25.28 -5.17 6.93
CA ARG D 170 25.16 -6.59 7.28
C ARG D 170 26.42 -7.09 7.99
N ARG D 171 27.58 -6.78 7.43
CA ARG D 171 28.84 -7.20 8.05
C ARG D 171 28.99 -6.60 9.45
N TYR D 172 28.72 -5.29 9.59
CA TYR D 172 28.89 -4.66 10.90
C TYR D 172 27.93 -5.22 11.92
N LEU D 173 26.69 -5.54 11.51
CA LEU D 173 25.73 -6.09 12.47
C LEU D 173 26.21 -7.44 12.98
N GLU D 174 26.86 -8.21 12.11
CA GLU D 174 27.38 -9.52 12.54
C GLU D 174 28.64 -9.35 13.39
N ASN D 175 29.61 -8.54 12.93
CA ASN D 175 30.84 -8.35 13.69
C ASN D 175 30.59 -7.72 15.05
N GLY D 176 29.64 -6.81 15.15
CA GLY D 176 29.38 -6.11 16.39
C GLY D 176 28.28 -6.69 17.24
N LYS D 177 27.81 -7.91 16.96
CA LYS D 177 26.58 -8.40 17.56
C LYS D 177 26.64 -8.43 19.09
N GLU D 178 27.81 -8.73 19.65
CA GLU D 178 27.90 -8.85 21.11
C GLU D 178 27.60 -7.54 21.83
N THR D 179 27.75 -6.40 21.15
CA THR D 179 27.46 -5.10 21.75
C THR D 179 26.34 -4.35 21.04
N LEU D 180 26.35 -4.37 19.71
CA LEU D 180 25.35 -3.67 18.89
C LEU D 180 23.96 -4.19 19.21
N GLN D 181 23.75 -5.47 18.96
CA GLN D 181 22.44 -6.16 19.09
C GLN D 181 22.24 -6.71 20.50
N ARG D 182 22.65 -5.95 21.52
CA ARG D 182 22.59 -6.29 22.95
C ARG D 182 21.26 -5.85 23.51
N THR D 183 20.45 -6.81 23.94
CA THR D 183 19.21 -6.54 24.62
C THR D 183 19.53 -6.06 26.03
N ASP D 184 19.42 -4.75 26.26
CA ASP D 184 19.75 -4.18 27.55
C ASP D 184 18.58 -3.40 28.14
N ARG D 203 7.05 12.45 40.59
CA ARG D 203 8.32 12.25 39.88
C ARG D 203 8.90 10.86 40.11
N CYS D 204 8.98 10.08 39.04
CA CYS D 204 9.72 8.81 39.05
C CYS D 204 10.88 8.92 38.08
N TRP D 205 12.07 8.57 38.56
CA TRP D 205 13.29 8.67 37.76
C TRP D 205 13.58 7.34 37.07
N ALA D 206 14.43 7.40 36.05
CA ALA D 206 14.76 6.21 35.26
C ALA D 206 16.22 5.80 35.39
N TYR D 210 20.08 0.67 27.14
CA TYR D 210 20.27 0.93 25.72
C TYR D 210 19.06 0.43 24.93
N PRO D 211 18.48 1.31 24.10
CA PRO D 211 19.00 2.66 23.85
C PRO D 211 18.51 3.72 24.85
N ALA D 212 18.67 4.99 24.48
CA ALA D 212 18.05 6.09 25.20
C ALA D 212 16.54 6.13 25.02
N GLU D 213 16.00 5.35 24.08
CA GLU D 213 14.56 5.30 23.86
C GLU D 213 13.88 4.70 25.08
N ILE D 214 12.89 5.42 25.62
CA ILE D 214 12.19 5.02 26.82
C ILE D 214 10.79 5.61 26.77
N THR D 215 9.86 4.98 27.48
CA THR D 215 8.47 5.46 27.54
C THR D 215 8.03 5.42 29.00
N LEU D 216 7.95 6.59 29.62
CA LEU D 216 7.50 6.71 31.00
C LEU D 216 5.98 6.86 31.05
N LEU D 231 7.66 15.92 32.01
CA LEU D 231 8.40 14.93 31.22
C LEU D 231 9.57 15.59 30.49
N VAL D 232 10.76 15.53 31.09
CA VAL D 232 11.94 16.15 30.50
C VAL D 232 12.47 15.28 29.35
N GLU D 233 13.28 15.89 28.48
CA GLU D 233 13.88 15.17 27.39
C GLU D 233 14.97 14.23 27.90
N THR D 234 15.06 13.05 27.29
CA THR D 234 16.07 12.07 27.68
C THR D 234 17.47 12.70 27.62
N ARG D 235 18.13 12.76 28.77
CA ARG D 235 19.47 13.33 28.89
C ARG D 235 20.49 12.23 29.15
N PRO D 236 21.72 12.39 28.68
CA PRO D 236 22.77 11.42 28.98
C PRO D 236 23.50 11.76 30.28
N ALA D 237 23.99 10.70 30.93
CA ALA D 237 24.69 10.89 32.19
C ALA D 237 26.15 11.26 31.96
N GLY D 238 26.83 10.55 31.08
CA GLY D 238 28.23 10.80 30.80
C GLY D 238 29.05 9.53 30.78
N ASP D 239 28.40 8.40 31.00
CA ASP D 239 29.06 7.09 31.04
C ASP D 239 28.40 6.13 30.07
N GLY D 240 27.77 6.65 29.02
CA GLY D 240 27.10 5.85 28.03
C GLY D 240 25.61 5.64 28.26
N THR D 241 25.11 5.99 29.44
CA THR D 241 23.72 5.75 29.81
C THR D 241 22.96 7.08 29.84
N PHE D 242 21.67 6.99 30.17
CA PHE D 242 20.76 8.13 30.05
C PHE D 242 19.87 8.22 31.29
N GLN D 243 19.19 9.37 31.40
CA GLN D 243 18.30 9.66 32.52
C GLN D 243 17.07 10.37 32.00
N LYS D 244 15.93 10.12 32.63
CA LYS D 244 14.68 10.78 32.27
C LYS D 244 13.70 10.67 33.43
N TRP D 245 12.86 11.68 33.58
CA TRP D 245 11.77 11.63 34.54
C TRP D 245 10.56 12.42 34.06
N ILE E 2 17.92 29.13 9.20
CA ILE E 2 17.12 28.68 10.30
C ILE E 2 17.93 28.50 11.55
N GLN E 3 17.90 29.48 12.44
CA GLN E 3 18.59 29.39 13.71
C GLN E 3 17.69 28.80 14.78
N ARG E 4 18.31 28.16 15.77
CA ARG E 4 17.56 27.47 16.82
C ARG E 4 18.21 27.70 18.16
N THR E 5 17.40 28.10 19.14
CA THR E 5 17.89 28.40 20.47
C THR E 5 18.22 27.11 21.22
N PRO E 6 19.31 27.08 21.97
CA PRO E 6 19.71 25.84 22.67
C PRO E 6 18.77 25.49 23.83
N LYS E 7 18.52 24.19 23.97
CA LYS E 7 17.86 23.65 25.15
C LYS E 7 18.94 23.23 26.15
N ILE E 8 18.80 23.67 27.39
CA ILE E 8 19.84 23.48 28.41
C ILE E 8 19.27 22.66 29.55
N GLN E 9 19.99 21.59 29.92
CA GLN E 9 19.67 20.78 31.09
C GLN E 9 20.93 20.65 31.94
N VAL E 10 20.88 21.19 33.15
CA VAL E 10 21.98 21.08 34.10
C VAL E 10 21.58 20.11 35.19
N TYR E 11 22.46 19.15 35.47
CA TYR E 11 22.11 18.05 36.35
C TYR E 11 23.38 17.29 36.72
N SER E 12 23.25 16.34 37.64
CA SER E 12 24.35 15.52 38.10
C SER E 12 24.28 14.13 37.49
N ARG E 13 25.45 13.49 37.39
CA ARG E 13 25.51 12.15 36.83
C ARG E 13 24.80 11.15 37.74
N HIS E 14 24.92 11.32 39.05
CA HIS E 14 24.43 10.39 40.06
C HIS E 14 23.44 11.08 41.00
N PRO E 15 22.87 10.37 42.00
CA PRO E 15 22.12 11.00 43.09
C PRO E 15 22.80 12.24 43.67
N LYS E 20 31.12 12.75 48.44
CA LYS E 20 30.88 11.97 47.24
C LYS E 20 31.30 12.74 45.98
N SER E 21 32.44 12.36 45.40
CA SER E 21 32.88 12.98 44.15
C SER E 21 31.95 12.56 43.02
N ASN E 22 31.52 13.52 42.22
CA ASN E 22 30.46 13.30 41.25
C ASN E 22 30.86 13.91 39.91
N PHE E 23 29.87 14.19 39.06
CA PHE E 23 30.07 14.81 37.76
C PHE E 23 28.90 15.75 37.49
N LEU E 24 29.22 16.99 37.11
CA LEU E 24 28.22 18.02 36.85
C LEU E 24 28.03 18.17 35.35
N ASN E 25 26.83 17.84 34.86
CA ASN E 25 26.54 17.83 33.44
C ASN E 25 25.78 19.08 33.03
N CYS E 26 26.15 19.65 31.88
CA CYS E 26 25.40 20.71 31.22
C CYS E 26 25.16 20.25 29.79
N TYR E 27 23.95 19.80 29.51
CA TYR E 27 23.59 19.18 28.24
C TYR E 27 22.89 20.21 27.36
N VAL E 28 23.42 20.42 26.16
CA VAL E 28 22.86 21.38 25.22
C VAL E 28 22.40 20.63 23.98
N SER E 29 21.21 21.00 23.47
CA SER E 29 20.62 20.29 22.35
C SER E 29 19.68 21.21 21.59
N GLY E 30 19.36 20.80 20.36
CA GLY E 30 18.40 21.51 19.54
C GLY E 30 18.81 22.91 19.11
N PHE E 31 20.11 23.19 18.99
CA PHE E 31 20.57 24.51 18.60
C PHE E 31 21.23 24.49 17.23
N HIS E 32 21.26 25.65 16.60
CA HIS E 32 21.83 25.87 15.27
C HIS E 32 22.10 27.36 15.14
N PRO E 33 23.31 27.77 14.73
CA PRO E 33 24.43 26.95 14.27
C PRO E 33 25.25 26.32 15.41
N SER E 34 26.36 25.65 15.04
CA SER E 34 27.05 24.78 15.99
C SER E 34 27.99 25.52 16.93
N ASP E 35 28.42 26.73 16.59
CA ASP E 35 29.21 27.54 17.52
C ASP E 35 28.46 27.72 18.83
N ILE E 36 29.02 27.19 19.91
CA ILE E 36 28.42 27.38 21.24
C ILE E 36 29.52 27.34 22.29
N GLU E 37 29.37 28.18 23.32
CA GLU E 37 30.30 28.20 24.44
C GLU E 37 29.53 27.95 25.72
N VAL E 38 29.99 26.98 26.50
CA VAL E 38 29.29 26.50 27.69
C VAL E 38 30.26 26.47 28.86
N ASP E 39 30.08 27.40 29.79
CA ASP E 39 30.88 27.45 31.01
C ASP E 39 30.09 26.86 32.17
N LEU E 40 30.80 26.20 33.07
CA LEU E 40 30.16 25.69 34.28
C LEU E 40 30.67 26.54 35.45
N GLY E 44 29.94 31.47 41.67
CA GLY E 44 29.94 32.16 40.39
C GLY E 44 31.25 32.00 39.64
N GLU E 45 32.13 31.15 40.17
CA GLU E 45 33.42 30.90 39.55
C GLU E 45 33.33 29.81 38.49
N ARG E 46 33.98 30.05 37.35
CA ARG E 46 33.96 29.08 36.26
C ARG E 46 35.07 28.04 36.43
N ILE E 47 34.71 26.78 36.19
CA ILE E 47 35.64 25.67 36.30
C ILE E 47 36.52 25.62 35.06
N GLU E 48 37.80 25.30 35.25
CA GLU E 48 38.75 25.24 34.15
C GLU E 48 38.95 23.84 33.59
N LYS E 49 38.55 22.80 34.32
CA LYS E 49 38.72 21.42 33.87
C LYS E 49 37.44 20.85 33.28
N VAL E 50 36.70 21.66 32.53
CA VAL E 50 35.47 21.22 31.88
C VAL E 50 35.80 20.64 30.51
N GLU E 51 35.20 19.50 30.19
CA GLU E 51 35.35 18.86 28.88
C GLU E 51 33.97 18.73 28.22
N HIS E 52 33.97 18.30 26.96
CA HIS E 52 32.72 18.08 26.24
C HIS E 52 32.82 16.80 25.41
N SER E 53 31.66 16.24 25.10
CA SER E 53 31.56 15.02 24.30
C SER E 53 31.63 15.36 22.81
N ASP E 54 31.53 14.32 21.97
CA ASP E 54 31.52 14.53 20.53
C ASP E 54 30.32 15.40 20.12
N LEU E 55 30.50 16.14 19.03
CA LEU E 55 29.40 16.89 18.44
C LEU E 55 28.56 15.98 17.56
N SER E 56 27.23 16.19 17.59
CA SER E 56 26.29 15.36 16.84
C SER E 56 25.13 16.24 16.39
N PHE E 57 24.33 15.73 15.45
CA PHE E 57 23.11 16.47 15.13
C PHE E 57 21.94 15.53 14.86
N SER E 58 20.73 16.06 15.08
CA SER E 58 19.50 15.29 15.08
C SER E 58 18.81 15.39 13.73
N LYS E 59 17.59 14.82 13.66
CA LYS E 59 16.87 14.73 12.39
C LYS E 59 16.50 16.10 11.84
N ASP E 60 16.23 17.08 12.70
CA ASP E 60 15.93 18.43 12.21
C ASP E 60 17.17 19.24 11.92
N TRP E 61 18.34 18.58 11.89
CA TRP E 61 19.67 19.11 11.62
C TRP E 61 20.27 19.88 12.79
N SER E 62 19.58 20.01 13.92
CA SER E 62 20.12 20.76 15.04
C SER E 62 21.14 19.93 15.82
N PHE E 63 22.06 20.62 16.49
CA PHE E 63 23.21 19.99 17.13
C PHE E 63 22.94 19.72 18.61
N TYR E 64 23.68 18.74 19.16
CA TYR E 64 23.62 18.46 20.59
C TYR E 64 24.94 17.86 21.06
N LEU E 65 25.30 18.14 22.32
CA LEU E 65 26.51 17.61 22.94
C LEU E 65 26.43 17.85 24.45
N LEU E 66 27.39 17.27 25.17
CA LEU E 66 27.39 17.26 26.64
C LEU E 66 28.66 17.92 27.17
N TYR E 67 28.50 18.85 28.12
CA TYR E 67 29.61 19.44 28.86
C TYR E 67 29.59 18.90 30.29
N TYR E 68 30.78 18.63 30.84
CA TYR E 68 30.88 17.96 32.12
C TYR E 68 32.20 18.33 32.81
N THR E 69 32.25 18.06 34.11
CA THR E 69 33.46 18.20 34.92
C THR E 69 33.26 17.43 36.22
N GLU E 70 34.36 16.97 36.80
CA GLU E 70 34.32 16.19 38.04
C GLU E 70 34.45 17.11 39.23
N PHE E 71 33.49 17.04 40.16
CA PHE E 71 33.48 17.89 41.34
C PHE E 71 33.04 17.10 42.55
N THR E 72 33.25 17.68 43.73
CA THR E 72 32.76 17.12 45.00
C THR E 72 31.82 18.14 45.63
N PRO E 73 30.51 17.95 45.51
CA PRO E 73 29.56 19.00 45.91
C PRO E 73 29.35 19.02 47.42
N THR E 74 28.53 19.96 47.86
CA THR E 74 28.17 20.08 49.27
C THR E 74 26.67 20.37 49.41
N CYS E 81 25.35 26.58 35.29
CA CYS E 81 25.92 26.49 33.95
C CYS E 81 25.66 27.74 33.12
N ARG E 82 26.70 28.23 32.44
CA ARG E 82 26.62 29.42 31.61
C ARG E 82 26.71 29.01 30.15
N VAL E 83 25.69 29.33 29.36
CA VAL E 83 25.63 28.97 27.94
C VAL E 83 25.38 30.24 27.13
N ASN E 84 26.19 30.45 26.09
CA ASN E 84 25.99 31.56 25.18
C ASN E 84 25.87 31.04 23.75
N HIS E 85 25.10 31.76 22.94
CA HIS E 85 24.78 31.34 21.58
C HIS E 85 24.27 32.57 20.83
N VAL E 86 24.45 32.56 19.51
CA VAL E 86 24.08 33.72 18.70
C VAL E 86 22.61 34.05 18.86
N THR E 87 21.78 33.05 19.16
CA THR E 87 20.34 33.27 19.32
C THR E 87 19.99 33.99 20.62
N LEU E 88 20.90 33.99 21.59
CA LEU E 88 20.67 34.63 22.88
C LEU E 88 21.18 36.07 22.85
N SER E 89 20.31 37.02 23.21
CA SER E 89 20.75 38.40 23.33
C SER E 89 21.73 38.56 24.48
N GLN E 90 21.52 37.84 25.57
CA GLN E 90 22.40 37.80 26.72
C GLN E 90 22.60 36.35 27.13
N PRO E 91 23.74 36.03 27.76
CA PRO E 91 23.98 34.64 28.17
C PRO E 91 22.89 34.15 29.11
N LYS E 92 22.56 32.87 28.98
CA LYS E 92 21.56 32.24 29.82
C LYS E 92 22.25 31.35 30.85
N ILE E 93 21.79 31.45 32.10
CA ILE E 93 22.31 30.65 33.20
C ILE E 93 21.18 29.82 33.78
N VAL E 94 21.48 28.58 34.13
CA VAL E 94 20.52 27.68 34.77
C VAL E 94 21.24 26.95 35.90
N LYS E 95 20.62 26.92 37.08
CA LYS E 95 21.26 26.36 38.26
C LYS E 95 20.89 24.90 38.44
N TRP E 96 21.69 24.20 39.23
CA TRP E 96 21.42 22.81 39.58
C TRP E 96 21.20 22.64 41.08
N GLY F 2 29.98 13.68 -3.64
CA GLY F 2 30.80 13.65 -4.84
C GLY F 2 30.35 14.67 -5.87
N ALA F 3 29.12 15.13 -5.70
CA ALA F 3 28.47 16.00 -6.67
C ALA F 3 28.50 17.45 -6.19
N ASN F 4 28.82 18.34 -7.11
CA ASN F 4 28.83 19.77 -6.85
C ASN F 4 27.43 20.34 -6.99
N PHE F 5 27.13 21.35 -6.16
CA PHE F 5 25.85 22.05 -6.20
C PHE F 5 25.69 22.84 -7.50
#